data_5M2G
#
_entry.id   5M2G
#
_cell.length_a   73.610
_cell.length_b   73.610
_cell.length_c   184.958
_cell.angle_alpha   90.00
_cell.angle_beta   90.00
_cell.angle_gamma   90.00
#
_symmetry.space_group_name_H-M   'P 41'
#
loop_
_entity.id
_entity.type
_entity.pdbx_description
1 polymer 'Tetrachloroethene reductive dehalogenase catalytically active subunit'
2 non-polymer 'IRON/SULFUR CLUSTER'
3 non-polymer NORPSEUDO-B12
4 non-polymer BENZAMIDINE
5 non-polymer GLYCEROL
6 non-polymer 2,4,6-TRIBROMOPHENOL
7 water water
#
_entity_poly.entity_id   1
_entity_poly.type   'polypeptide(L)'
_entity_poly.pdbx_seq_one_letter_code
;AEKEKNAAEIRQQFAMTAGSPIIVNDKLERYAEVRTAFTHPTSFFKPNYKGEVKPWFLSAYDEKVRQIENGENGPKMKAK
NVGEARAGRALEAAGWTLDINYGNIYPNRFFMLWSGETMTNTQLWAPVGLDRRPPDTTDPVELTNYVKFAARMAGADLVG
VARLNRNWVYSEAVTIPADVPYEQSLHKEIEKPIVFKDVPLPIETDDELIIPNTCENVIVAGIAMNREMMQTAPNSMACA
TTAFCYSRMCMFDMWLCQFIRYMGYYAIPSCNGVGQSVAFAVEAGLGQASRMGACITPEFGPNVRLTKVFTNMPLVPDKP
IDFGVTEFCETCKKCARECPSKAITEGPRTFEGRSIHNQSGKLQWQNDYNKCLGYWPESGGYCGVCVAVCPFTKGNIWIH
DGVEWLIDNTRFLDPLMLGMDDALGYGAKRNITEVWDGKINTYGLDADHFRDTVSFRKDRVKKS
;
_entity_poly.pdbx_strand_id   A,B
#
# COMPACT_ATOMS: atom_id res chain seq x y z
N ALA A 1 36.18 10.93 12.26
CA ALA A 1 35.41 10.05 11.39
C ALA A 1 33.98 10.55 11.24
N GLU A 2 33.33 10.18 10.14
CA GLU A 2 31.97 10.64 9.88
C GLU A 2 30.99 9.98 10.83
N LYS A 3 30.24 10.79 11.58
CA LYS A 3 29.20 10.26 12.45
C LYS A 3 28.01 9.81 11.61
N GLU A 4 27.57 8.58 11.84
CA GLU A 4 26.50 8.01 11.02
C GLU A 4 25.19 8.73 11.29
N LYS A 5 24.44 8.97 10.21
CA LYS A 5 23.24 9.79 10.30
C LYS A 5 22.25 9.19 11.29
N ASN A 6 21.72 10.04 12.16
CA ASN A 6 20.80 9.64 13.23
C ASN A 6 19.58 10.54 13.14
N ALA A 7 18.53 10.06 12.49
CA ALA A 7 17.33 10.87 12.30
C ALA A 7 16.62 11.16 13.63
N ALA A 8 16.67 10.22 14.58
CA ALA A 8 16.01 10.44 15.85
C ALA A 8 16.71 11.52 16.66
N GLU A 9 18.05 11.52 16.63
CA GLU A 9 18.85 12.56 17.25
C GLU A 9 18.52 13.94 16.68
N ILE A 10 18.42 14.02 15.36
CA ILE A 10 18.11 15.27 14.67
C ILE A 10 16.78 15.82 15.16
N ARG A 11 15.75 14.96 15.20
CA ARG A 11 14.44 15.42 15.64
C ARG A 11 14.47 15.85 17.10
N GLN A 12 15.22 15.12 17.94
CA GLN A 12 15.32 15.52 19.35
C GLN A 12 16.00 16.88 19.48
N GLN A 13 17.02 17.13 18.65
CA GLN A 13 17.81 18.36 18.79
C GLN A 13 16.97 19.59 18.47
N PHE A 14 16.06 19.47 17.51
CA PHE A 14 15.31 20.61 16.99
C PHE A 14 13.87 20.67 17.51
N ALA A 15 13.52 19.85 18.47
CA ALA A 15 12.16 19.88 19.04
C ALA A 15 11.92 21.21 19.74
N MET A 16 10.70 21.73 19.59
CA MET A 16 10.26 22.96 20.24
C MET A 16 9.42 22.65 21.47
N THR A 17 9.16 23.67 22.28
CA THR A 17 8.17 23.51 23.33
C THR A 17 6.78 23.48 22.72
N ALA A 18 5.82 22.98 23.50
CA ALA A 18 4.46 22.77 23.00
C ALA A 18 3.84 24.08 22.53
N GLY A 19 2.94 23.97 21.57
CA GLY A 19 2.20 25.11 21.08
C GLY A 19 2.17 25.16 19.56
N SER A 20 1.02 25.43 18.97
CA SER A 20 0.95 25.50 17.51
C SER A 20 1.94 26.56 17.03
N PRO A 21 2.84 26.22 16.11
CA PRO A 21 3.81 27.21 15.64
C PRO A 21 3.25 28.19 14.62
N ILE A 22 2.06 27.93 14.08
CA ILE A 22 1.48 28.78 13.05
C ILE A 22 0.95 30.06 13.66
N ILE A 23 1.40 31.19 13.13
CA ILE A 23 1.04 32.50 13.67
C ILE A 23 -0.19 33.00 12.94
N VAL A 24 -1.19 33.45 13.69
CA VAL A 24 -2.47 33.80 13.12
C VAL A 24 -2.89 35.18 13.62
N ASN A 25 -3.84 35.79 12.92
CA ASN A 25 -4.42 37.02 13.43
C ASN A 25 -5.93 36.94 13.35
N ASP A 26 -6.61 38.08 13.55
CA ASP A 26 -8.04 38.08 13.75
C ASP A 26 -8.84 37.87 12.46
N LYS A 27 -8.25 38.03 11.29
CA LYS A 27 -9.05 37.79 10.10
C LYS A 27 -9.10 36.32 9.71
N LEU A 28 -8.51 35.43 10.51
CA LEU A 28 -8.55 34.01 10.20
C LEU A 28 -9.97 33.45 10.32
N GLU A 29 -10.43 32.77 9.27
CA GLU A 29 -11.69 32.06 9.28
C GLU A 29 -11.47 30.71 8.61
N ARG A 30 -12.31 29.73 8.96
CA ARG A 30 -12.16 28.45 8.29
C ARG A 30 -12.45 28.60 6.80
N TYR A 31 -11.81 27.75 6.00
CA TYR A 31 -11.70 27.90 4.56
C TYR A 31 -12.59 26.88 3.87
N ALA A 32 -13.45 27.33 2.96
CA ALA A 32 -14.32 26.42 2.21
C ALA A 32 -13.50 25.70 1.14
N GLU A 33 -13.57 24.36 1.13
CA GLU A 33 -12.72 23.57 0.24
C GLU A 33 -12.92 23.92 -1.22
N VAL A 34 -14.12 24.35 -1.61
CA VAL A 34 -14.37 24.70 -3.01
C VAL A 34 -13.43 25.78 -3.51
N ARG A 35 -12.81 26.53 -2.60
CA ARG A 35 -11.92 27.62 -2.98
C ARG A 35 -10.58 27.13 -3.54
N THR A 36 -10.24 25.84 -3.39
CA THR A 36 -8.95 25.38 -3.93
C THR A 36 -8.95 25.52 -5.45
N ALA A 37 -7.75 25.67 -6.03
CA ALA A 37 -7.67 25.92 -7.47
C ALA A 37 -8.23 24.74 -8.27
N PHE A 38 -8.14 23.52 -7.73
CA PHE A 38 -8.69 22.35 -8.41
C PHE A 38 -10.19 22.45 -8.61
N THR A 39 -10.89 23.11 -7.70
CA THR A 39 -12.34 23.04 -7.68
C THR A 39 -13.02 24.38 -7.95
N HIS A 40 -12.34 25.50 -7.72
CA HIS A 40 -13.05 26.77 -7.81
C HIS A 40 -13.35 27.13 -9.26
N PRO A 41 -14.52 27.71 -9.54
CA PRO A 41 -14.86 27.98 -10.96
C PRO A 41 -13.91 28.94 -11.66
N THR A 42 -13.22 29.81 -10.92
CA THR A 42 -12.33 30.78 -11.57
C THR A 42 -11.07 30.12 -12.09
N SER A 43 -10.70 28.96 -11.55
CA SER A 43 -9.46 28.27 -11.87
C SER A 43 -9.67 26.93 -12.52
N PHE A 44 -10.87 26.35 -12.39
CA PHE A 44 -11.14 24.97 -12.79
C PHE A 44 -10.96 24.78 -14.28
N PHE A 45 -11.24 25.81 -15.06
CA PHE A 45 -11.23 25.71 -16.52
C PHE A 45 -9.89 26.19 -17.06
N LYS A 46 -9.30 25.41 -17.95
CA LYS A 46 -8.02 25.76 -18.55
C LYS A 46 -8.02 25.41 -20.03
N PRO A 47 -7.33 26.21 -20.83
CA PRO A 47 -7.18 25.89 -22.26
C PRO A 47 -6.33 24.63 -22.45
N ASN A 48 -6.66 23.86 -23.48
CA ASN A 48 -5.74 22.82 -23.95
C ASN A 48 -4.82 23.40 -25.03
N TYR A 49 -3.97 22.55 -25.62
CA TYR A 49 -2.99 23.08 -26.56
C TYR A 49 -3.60 23.55 -27.87
N LYS A 50 -4.86 23.23 -28.12
CA LYS A 50 -5.59 23.77 -29.27
C LYS A 50 -6.41 25.00 -28.90
N GLY A 51 -6.25 25.51 -27.67
CA GLY A 51 -7.02 26.65 -27.22
C GLY A 51 -8.45 26.36 -26.79
N GLU A 52 -8.84 25.09 -26.66
CA GLU A 52 -10.18 24.76 -26.19
C GLU A 52 -10.24 24.80 -24.66
N VAL A 53 -11.28 25.42 -24.12
CA VAL A 53 -11.39 25.60 -22.68
C VAL A 53 -12.15 24.40 -22.10
N LYS A 54 -11.52 23.71 -21.15
CA LYS A 54 -12.05 22.47 -20.58
C LYS A 54 -11.73 22.42 -19.09
N PRO A 55 -12.37 21.53 -18.34
CA PRO A 55 -11.84 21.20 -17.01
C PRO A 55 -10.36 20.91 -17.12
N TRP A 56 -9.60 21.40 -16.14
CA TRP A 56 -8.14 21.40 -16.26
C TRP A 56 -7.59 20.00 -16.54
N PHE A 57 -8.15 18.97 -15.89
CA PHE A 57 -7.57 17.64 -16.03
C PHE A 57 -7.84 17.06 -17.42
N LEU A 58 -8.93 17.47 -18.07
CA LEU A 58 -9.17 17.03 -19.44
C LEU A 58 -8.21 17.70 -20.42
N SER A 59 -7.93 18.99 -20.20
CA SER A 59 -6.90 19.64 -21.01
C SER A 59 -5.55 18.98 -20.82
N ALA A 60 -5.25 18.57 -19.58
CA ALA A 60 -3.99 17.87 -19.33
C ALA A 60 -3.97 16.52 -20.04
N TYR A 61 -5.10 15.80 -20.01
CA TYR A 61 -5.22 14.56 -20.78
C TYR A 61 -4.85 14.79 -22.24
N ASP A 62 -5.39 15.86 -22.83
CA ASP A 62 -5.10 16.14 -24.23
C ASP A 62 -3.60 16.24 -24.46
N GLU A 63 -2.88 16.85 -23.51
CA GLU A 63 -1.45 17.03 -23.66
C GLU A 63 -0.69 15.71 -23.47
N LYS A 64 -1.16 14.86 -22.55
CA LYS A 64 -0.53 13.54 -22.41
C LYS A 64 -0.64 12.76 -23.71
N VAL A 65 -1.83 12.77 -24.32
CA VAL A 65 -2.04 12.04 -25.56
C VAL A 65 -1.11 12.57 -26.64
N ARG A 66 -1.03 13.90 -26.75
CA ARG A 66 -0.15 14.53 -27.74
C ARG A 66 1.30 14.12 -27.54
N GLN A 67 1.76 14.08 -26.27
CA GLN A 67 3.15 13.73 -26.02
C GLN A 67 3.45 12.28 -26.39
N ILE A 68 2.54 11.36 -26.07
CA ILE A 68 2.77 9.96 -26.43
C ILE A 68 2.89 9.84 -27.94
N GLU A 69 1.93 10.43 -28.67
CA GLU A 69 1.98 10.36 -30.12
C GLU A 69 3.27 10.95 -30.67
N ASN A 70 3.82 11.96 -30.01
CA ASN A 70 5.04 12.61 -30.46
C ASN A 70 6.28 12.05 -29.79
N GLY A 71 6.16 10.98 -29.02
CA GLY A 71 7.32 10.36 -28.41
C GLY A 71 8.00 11.23 -27.38
N GLU A 72 7.23 11.88 -26.52
CA GLU A 72 7.78 12.76 -25.50
C GLU A 72 7.35 12.32 -24.11
N ASN A 73 8.23 12.56 -23.13
CA ASN A 73 7.96 12.26 -21.72
C ASN A 73 7.46 13.49 -20.97
N GLY A 74 7.40 14.64 -21.62
CA GLY A 74 7.03 15.88 -20.98
C GLY A 74 7.13 17.00 -21.99
N PRO A 75 6.93 18.24 -21.56
CA PRO A 75 6.86 19.36 -22.52
C PRO A 75 8.21 19.59 -23.20
N LYS A 76 8.22 19.45 -24.52
CA LYS A 76 9.43 19.56 -25.34
C LYS A 76 10.56 18.68 -24.82
N MET A 77 10.22 17.56 -24.21
CA MET A 77 11.22 16.62 -23.69
C MET A 77 11.03 15.30 -24.44
N LYS A 78 11.92 15.04 -25.38
CA LYS A 78 11.81 13.86 -26.21
C LYS A 78 12.10 12.60 -25.39
N ALA A 79 11.27 11.57 -25.60
CA ALA A 79 11.55 10.27 -25.01
C ALA A 79 12.50 9.48 -25.90
N LYS A 80 12.98 8.35 -25.38
CA LYS A 80 13.78 7.44 -26.19
C LYS A 80 13.01 6.99 -27.43
N ASN A 81 11.71 6.74 -27.26
CA ASN A 81 10.81 6.36 -28.35
C ASN A 81 9.38 6.44 -27.85
N VAL A 82 8.42 6.13 -28.72
CA VAL A 82 7.02 6.23 -28.33
C VAL A 82 6.69 5.24 -27.21
N GLY A 83 7.29 4.04 -27.28
CA GLY A 83 7.00 3.04 -26.26
C GLY A 83 7.39 3.51 -24.87
N GLU A 84 8.53 4.20 -24.76
CA GLU A 84 8.92 4.77 -23.47
C GLU A 84 7.95 5.85 -23.02
N ALA A 85 7.53 6.71 -23.95
CA ALA A 85 6.54 7.73 -23.61
C ALA A 85 5.26 7.08 -23.09
N ARG A 86 4.77 6.08 -23.83
N ARG A 86 4.79 6.04 -23.78
CA ARG A 86 3.60 5.31 -23.40
CA ARG A 86 3.56 5.39 -23.35
C ARG A 86 3.77 4.72 -22.01
C ARG A 86 3.73 4.63 -22.04
N ALA A 87 4.93 4.11 -21.76
CA ALA A 87 5.15 3.41 -20.49
C ALA A 87 5.06 4.36 -19.30
N GLY A 88 5.61 5.57 -19.43
CA GLY A 88 5.55 6.51 -18.33
C GLY A 88 4.13 6.90 -17.98
N ARG A 89 3.28 7.08 -19.00
CA ARG A 89 1.90 7.44 -18.73
C ARG A 89 1.08 6.25 -18.24
N ALA A 90 1.41 5.04 -18.68
CA ALA A 90 0.76 3.85 -18.12
C ALA A 90 1.08 3.68 -16.65
N LEU A 91 2.34 3.90 -16.27
CA LEU A 91 2.71 3.83 -14.86
C LEU A 91 1.97 4.89 -14.05
N GLU A 92 1.96 6.13 -14.55
CA GLU A 92 1.24 7.22 -13.85
C GLU A 92 -0.23 6.85 -13.66
N ALA A 93 -0.91 6.45 -14.74
CA ALA A 93 -2.33 6.15 -14.64
C ALA A 93 -2.58 5.01 -13.65
N ALA A 94 -1.78 3.95 -13.72
CA ALA A 94 -1.95 2.82 -12.81
C ALA A 94 -1.76 3.24 -11.36
N GLY A 95 -0.87 4.20 -11.11
CA GLY A 95 -0.60 4.59 -9.74
C GLY A 95 -1.85 5.03 -8.99
N TRP A 96 -2.80 5.64 -9.69
CA TRP A 96 -4.01 6.19 -9.09
C TRP A 96 -5.08 5.14 -8.81
N THR A 97 -4.78 3.84 -8.89
CA THR A 97 -5.83 2.82 -8.86
C THR A 97 -6.73 2.94 -7.62
N LEU A 98 -6.16 3.28 -6.47
CA LEU A 98 -6.95 3.31 -5.24
C LEU A 98 -7.29 4.74 -4.81
N ASP A 99 -7.54 5.61 -5.77
CA ASP A 99 -7.80 7.01 -5.47
C ASP A 99 -8.97 7.45 -6.33
N ILE A 100 -9.93 8.18 -5.74
CA ILE A 100 -11.12 8.63 -6.45
C ILE A 100 -10.93 10.10 -6.88
N ASN A 101 -11.06 10.35 -8.19
CA ASN A 101 -11.14 11.70 -8.76
C ASN A 101 -10.05 12.62 -8.24
N TYR A 102 -8.83 12.08 -8.16
CA TYR A 102 -7.64 12.85 -7.84
C TYR A 102 -7.71 13.43 -6.43
N GLY A 103 -7.62 12.52 -5.46
CA GLY A 103 -7.36 12.98 -4.10
C GLY A 103 -8.26 12.42 -3.02
N ASN A 104 -9.30 11.67 -3.39
CA ASN A 104 -10.24 11.11 -2.40
C ASN A 104 -10.86 12.19 -1.51
N ILE A 105 -11.25 13.34 -2.08
CA ILE A 105 -11.65 14.42 -1.19
C ILE A 105 -13.08 14.29 -0.66
N TYR A 106 -13.96 13.55 -1.33
CA TYR A 106 -15.34 13.49 -0.85
C TYR A 106 -15.43 12.76 0.46
N PRO A 107 -15.83 13.41 1.57
CA PRO A 107 -15.89 12.71 2.83
C PRO A 107 -17.02 11.70 2.88
N ASN A 108 -16.76 10.55 3.54
CA ASN A 108 -17.79 9.52 3.77
C ASN A 108 -18.36 8.99 2.46
N ARG A 109 -17.53 8.92 1.41
CA ARG A 109 -17.87 8.29 0.14
C ARG A 109 -16.74 7.36 -0.26
N PHE A 110 -17.09 6.29 -0.96
CA PHE A 110 -16.12 5.35 -1.55
C PHE A 110 -15.15 4.83 -0.52
N PHE A 111 -13.87 5.24 -0.57
CA PHE A 111 -12.88 4.73 0.37
C PHE A 111 -12.85 5.49 1.69
N MET A 112 -13.43 6.69 1.73
CA MET A 112 -13.31 7.57 2.89
C MET A 112 -14.50 7.44 3.83
N LEU A 113 -14.93 6.22 4.14
CA LEU A 113 -16.11 6.07 4.99
C LEU A 113 -15.80 6.52 6.42
N TRP A 114 -16.75 7.25 7.02
CA TRP A 114 -16.58 7.75 8.38
C TRP A 114 -16.93 6.72 9.44
N SER A 115 -17.60 5.64 9.04
CA SER A 115 -17.86 4.50 9.90
C SER A 115 -17.39 3.24 9.20
N GLY A 116 -16.89 2.30 9.99
CA GLY A 116 -16.55 1.00 9.48
C GLY A 116 -17.66 0.02 9.18
N GLU A 117 -18.87 0.33 9.62
CA GLU A 117 -19.95 -0.65 9.71
C GLU A 117 -20.19 -1.40 8.39
N THR A 118 -20.18 -0.71 7.25
CA THR A 118 -20.54 -1.38 5.99
C THR A 118 -19.36 -2.01 5.26
N MET A 119 -18.13 -1.81 5.74
CA MET A 119 -16.97 -2.35 5.03
C MET A 119 -16.97 -3.87 5.05
N THR A 120 -16.48 -4.47 3.96
CA THR A 120 -16.44 -5.93 3.88
C THR A 120 -15.60 -6.52 5.00
N ASN A 121 -14.48 -5.86 5.35
CA ASN A 121 -13.62 -6.36 6.42
C ASN A 121 -14.36 -6.33 7.76
N THR A 122 -15.06 -5.23 8.05
CA THR A 122 -15.82 -5.15 9.30
C THR A 122 -16.87 -6.24 9.38
N GLN A 123 -17.58 -6.47 8.28
CA GLN A 123 -18.62 -7.51 8.27
C GLN A 123 -18.02 -8.89 8.51
N LEU A 124 -16.88 -9.19 7.87
CA LEU A 124 -16.25 -10.50 8.02
C LEU A 124 -15.85 -10.74 9.48
N TRP A 125 -15.37 -9.71 10.17
CA TRP A 125 -14.86 -9.78 11.54
C TRP A 125 -15.91 -9.50 12.61
N ALA A 126 -17.13 -9.18 12.19
CA ALA A 126 -18.18 -8.83 13.17
C ALA A 126 -18.32 -9.80 14.34
N PRO A 127 -18.22 -11.14 14.18
CA PRO A 127 -18.41 -12.01 15.34
C PRO A 127 -17.42 -11.77 16.47
N VAL A 128 -16.25 -11.18 16.20
CA VAL A 128 -15.33 -10.93 17.29
C VAL A 128 -15.76 -9.71 18.09
N GLY A 129 -16.49 -8.80 17.48
CA GLY A 129 -17.00 -7.65 18.19
C GLY A 129 -16.00 -6.58 18.54
N LEU A 130 -14.87 -6.52 17.83
CA LEU A 130 -13.82 -5.56 18.18
C LEU A 130 -14.31 -4.13 18.06
N ASP A 131 -15.17 -3.84 17.08
CA ASP A 131 -15.65 -2.48 16.90
C ASP A 131 -16.80 -2.13 17.84
N ARG A 132 -17.36 -3.11 18.56
CA ARG A 132 -18.43 -2.86 19.50
C ARG A 132 -18.02 -2.95 20.95
N ARG A 133 -16.85 -3.52 21.24
CA ARG A 133 -16.38 -3.70 22.62
C ARG A 133 -15.72 -2.40 23.10
N PRO A 134 -16.04 -1.94 24.31
CA PRO A 134 -15.42 -0.71 24.80
C PRO A 134 -13.92 -0.85 24.83
N PRO A 135 -13.18 0.26 24.75
CA PRO A 135 -11.72 0.17 24.75
C PRO A 135 -11.20 -0.54 25.99
N ASP A 136 -10.17 -1.37 25.80
CA ASP A 136 -9.45 -1.98 26.90
C ASP A 136 -8.22 -1.16 27.30
N THR A 137 -7.85 -0.17 26.51
CA THR A 137 -6.76 0.74 26.82
C THR A 137 -7.26 2.17 26.67
N THR A 138 -7.10 2.97 27.74
CA THR A 138 -7.41 4.39 27.69
C THR A 138 -6.19 5.25 27.97
N ASP A 139 -5.07 4.64 28.35
CA ASP A 139 -3.81 5.32 28.62
C ASP A 139 -3.26 5.94 27.34
N PRO A 140 -3.18 7.27 27.25
CA PRO A 140 -2.68 7.87 26.00
C PRO A 140 -1.25 7.46 25.65
N VAL A 141 -0.43 7.15 26.65
CA VAL A 141 0.95 6.77 26.38
C VAL A 141 1.00 5.43 25.65
N GLU A 142 0.30 4.42 26.18
CA GLU A 142 0.26 3.13 25.48
C GLU A 142 -0.46 3.25 24.15
N LEU A 143 -1.53 4.05 24.08
CA LEU A 143 -2.28 4.17 22.82
C LEU A 143 -1.42 4.82 21.75
N THR A 144 -0.57 5.77 22.12
CA THR A 144 0.28 6.42 21.13
C THR A 144 1.30 5.44 20.55
N ASN A 145 1.88 4.60 21.41
CA ASN A 145 2.82 3.60 20.90
C ASN A 145 2.11 2.57 20.01
N TYR A 146 0.94 2.10 20.42
CA TYR A 146 0.18 1.15 19.60
C TYR A 146 -0.18 1.75 18.25
N VAL A 147 -0.71 2.97 18.26
CA VAL A 147 -1.24 3.51 17.00
C VAL A 147 -0.09 3.90 16.06
N LYS A 148 1.05 4.33 16.59
CA LYS A 148 2.17 4.64 15.70
C LYS A 148 2.79 3.37 15.13
N PHE A 149 2.87 2.31 15.92
CA PHE A 149 3.32 1.02 15.38
C PHE A 149 2.40 0.60 14.24
N ALA A 150 1.09 0.67 14.46
CA ALA A 150 0.15 0.32 13.39
C ALA A 150 0.33 1.22 12.17
N ALA A 151 0.58 2.51 12.40
CA ALA A 151 0.75 3.44 11.28
C ALA A 151 1.93 3.02 10.40
N ARG A 152 3.01 2.55 11.03
CA ARG A 152 4.16 2.13 10.25
C ARG A 152 3.83 0.87 9.46
N MET A 153 3.11 -0.09 10.07
CA MET A 153 2.62 -1.23 9.30
C MET A 153 1.80 -0.79 8.12
N ALA A 154 1.04 0.28 8.29
CA ALA A 154 0.09 0.71 7.27
C ALA A 154 0.72 1.57 6.20
N GLY A 155 2.05 1.73 6.20
CA GLY A 155 2.73 2.36 5.09
C GLY A 155 3.22 3.77 5.33
N ALA A 156 3.09 4.29 6.54
CA ALA A 156 3.60 5.61 6.84
C ALA A 156 5.11 5.53 7.01
N ASP A 157 5.81 6.46 6.36
CA ASP A 157 7.25 6.63 6.61
C ASP A 157 7.52 7.58 7.77
N LEU A 158 6.61 8.54 8.00
CA LEU A 158 6.63 9.43 9.15
C LEU A 158 5.24 9.40 9.77
N VAL A 159 5.17 9.54 11.10
CA VAL A 159 3.86 9.66 11.75
C VAL A 159 3.99 10.60 12.94
N GLY A 160 2.99 11.45 13.13
CA GLY A 160 2.97 12.36 14.26
C GLY A 160 1.55 12.57 14.73
N VAL A 161 1.41 13.09 15.95
CA VAL A 161 0.11 13.34 16.57
C VAL A 161 0.03 14.81 16.98
N ALA A 162 -1.12 15.44 16.71
CA ALA A 162 -1.39 16.77 17.27
C ALA A 162 -2.81 16.81 17.80
N ARG A 163 -3.07 17.72 18.74
CA ARG A 163 -4.45 18.10 18.99
C ARG A 163 -5.04 18.69 17.72
N LEU A 164 -6.33 18.44 17.51
CA LEU A 164 -6.98 18.93 16.31
C LEU A 164 -7.25 20.42 16.43
N ASN A 165 -6.70 21.20 15.50
CA ASN A 165 -6.98 22.63 15.41
C ASN A 165 -8.05 22.83 14.34
N ARG A 166 -9.23 23.26 14.75
CA ARG A 166 -10.35 23.34 13.82
C ARG A 166 -10.16 24.45 12.78
N ASN A 167 -9.23 25.38 13.01
CA ASN A 167 -8.92 26.41 12.02
C ASN A 167 -8.59 25.81 10.66
N TRP A 168 -7.98 24.63 10.63
CA TRP A 168 -7.55 24.02 9.39
C TRP A 168 -8.53 23.02 8.83
N VAL A 169 -9.63 22.76 9.52
CA VAL A 169 -10.70 21.94 8.96
C VAL A 169 -11.55 22.81 8.05
N TYR A 170 -11.82 22.30 6.84
CA TYR A 170 -12.59 23.06 5.89
C TYR A 170 -13.95 23.42 6.47
N SER A 171 -14.40 24.65 6.20
CA SER A 171 -15.72 25.05 6.66
C SER A 171 -16.82 24.26 5.96
N GLU A 172 -16.66 24.03 4.66
CA GLU A 172 -17.54 23.21 3.85
C GLU A 172 -16.67 22.32 2.97
N ALA A 173 -17.06 21.06 2.85
CA ALA A 173 -16.36 20.11 1.99
C ALA A 173 -16.97 20.11 0.59
N VAL A 174 -16.16 19.68 -0.38
CA VAL A 174 -16.68 19.29 -1.69
C VAL A 174 -17.02 17.80 -1.64
N THR A 175 -18.22 17.46 -2.05
CA THR A 175 -18.63 16.06 -1.99
C THR A 175 -19.66 15.82 -3.09
N ILE A 176 -20.32 14.66 -3.03
CA ILE A 176 -21.43 14.33 -3.94
C ILE A 176 -22.59 13.79 -3.11
N PRO A 177 -23.83 13.92 -3.58
CA PRO A 177 -24.95 13.31 -2.85
C PRO A 177 -24.77 11.81 -2.74
N ALA A 178 -25.34 11.24 -1.68
CA ALA A 178 -25.12 9.83 -1.38
C ALA A 178 -25.74 8.90 -2.42
N ASP A 179 -26.71 9.37 -3.19
CA ASP A 179 -27.36 8.52 -4.18
C ASP A 179 -26.72 8.63 -5.57
N VAL A 180 -25.63 9.35 -5.73
CA VAL A 180 -25.02 9.58 -7.04
C VAL A 180 -23.98 8.50 -7.29
N PRO A 181 -24.08 7.75 -8.39
CA PRO A 181 -23.08 6.72 -8.70
C PRO A 181 -21.80 7.35 -9.22
N TYR A 182 -20.75 6.52 -9.29
CA TYR A 182 -19.43 7.06 -9.60
C TYR A 182 -19.41 7.76 -10.96
N GLU A 183 -20.04 7.17 -11.97
CA GLU A 183 -19.88 7.70 -13.33
C GLU A 183 -20.44 9.11 -13.48
N GLN A 184 -21.32 9.56 -12.59
CA GLN A 184 -21.79 10.95 -12.63
C GLN A 184 -21.14 11.84 -11.59
N SER A 185 -20.23 11.31 -10.77
CA SER A 185 -19.71 12.07 -9.63
C SER A 185 -19.15 13.43 -10.04
N LEU A 186 -18.35 13.48 -11.10
CA LEU A 186 -17.69 14.72 -11.48
C LEU A 186 -18.68 15.79 -11.92
N HIS A 187 -19.90 15.40 -12.32
CA HIS A 187 -20.91 16.32 -12.76
C HIS A 187 -21.83 16.78 -11.64
N LYS A 188 -21.80 16.09 -10.50
CA LYS A 188 -22.77 16.30 -9.44
C LYS A 188 -22.14 16.74 -8.14
N GLU A 189 -20.92 17.31 -8.18
CA GLU A 189 -20.28 17.75 -6.95
C GLU A 189 -21.04 18.91 -6.31
N ILE A 190 -21.12 18.90 -4.98
CA ILE A 190 -21.82 19.88 -4.17
C ILE A 190 -20.91 20.29 -3.02
N GLU A 191 -21.33 21.31 -2.29
CA GLU A 191 -20.67 21.62 -1.02
C GLU A 191 -21.52 21.17 0.17
N LYS A 192 -20.84 20.85 1.26
CA LYS A 192 -21.56 20.43 2.45
C LYS A 192 -20.82 20.88 3.69
N PRO A 193 -21.49 21.56 4.63
CA PRO A 193 -20.81 22.03 5.83
C PRO A 193 -20.22 20.90 6.66
N ILE A 194 -19.04 21.17 7.26
CA ILE A 194 -18.46 20.33 8.29
C ILE A 194 -18.65 21.03 9.62
N VAL A 195 -19.39 20.41 10.53
CA VAL A 195 -19.76 21.03 11.78
C VAL A 195 -19.31 20.14 12.93
N PHE A 196 -19.18 20.74 14.11
CA PHE A 196 -18.82 20.04 15.33
C PHE A 196 -19.98 20.12 16.30
N LYS A 197 -20.46 18.96 16.75
CA LYS A 197 -21.64 18.90 17.59
C LYS A 197 -21.43 17.87 18.70
N ASP A 198 -22.29 17.94 19.71
CA ASP A 198 -22.26 16.97 20.81
C ASP A 198 -23.04 15.73 20.39
N VAL A 199 -22.34 14.86 19.66
CA VAL A 199 -22.88 13.58 19.24
C VAL A 199 -21.86 12.50 19.57
N PRO A 200 -22.28 11.24 19.71
CA PRO A 200 -21.32 10.21 20.11
C PRO A 200 -20.37 9.80 19.00
N LEU A 201 -20.80 9.80 17.74
CA LEU A 201 -20.02 9.26 16.64
C LEU A 201 -20.06 10.19 15.45
N PRO A 202 -19.03 10.17 14.59
CA PRO A 202 -19.12 10.88 13.32
C PRO A 202 -20.34 10.41 12.54
N ILE A 203 -21.08 11.36 11.98
CA ILE A 203 -22.33 11.03 11.30
C ILE A 203 -22.59 12.09 10.23
N GLU A 204 -23.21 11.66 9.14
CA GLU A 204 -23.59 12.55 8.04
C GLU A 204 -25.10 12.58 7.92
N THR A 205 -25.67 13.79 7.91
CA THR A 205 -27.09 13.97 7.64
C THR A 205 -27.25 14.50 6.22
N ASP A 206 -28.51 14.71 5.82
CA ASP A 206 -28.74 15.32 4.50
C ASP A 206 -28.07 16.69 4.39
N ASP A 207 -27.97 17.43 5.49
CA ASP A 207 -27.48 18.80 5.46
C ASP A 207 -26.04 18.97 5.92
N GLU A 208 -25.49 18.09 6.76
CA GLU A 208 -24.21 18.37 7.41
C GLU A 208 -23.36 17.11 7.55
N LEU A 209 -22.05 17.33 7.53
CA LEU A 209 -21.06 16.35 7.99
C LEU A 209 -20.72 16.72 9.43
N ILE A 210 -20.97 15.80 10.36
CA ILE A 210 -20.92 16.13 11.78
C ILE A 210 -19.77 15.39 12.43
N ILE A 211 -18.80 16.16 12.93
CA ILE A 211 -17.68 15.62 13.68
C ILE A 211 -17.98 15.78 15.16
N PRO A 212 -17.83 14.74 15.98
CA PRO A 212 -18.10 14.92 17.42
C PRO A 212 -17.15 15.90 18.06
N ASN A 213 -17.69 16.63 19.06
CA ASN A 213 -16.84 17.50 19.87
C ASN A 213 -15.78 16.71 20.63
N THR A 214 -15.97 15.41 20.81
CA THR A 214 -14.94 14.57 21.43
C THR A 214 -13.78 14.26 20.49
N CYS A 215 -13.79 14.74 19.26
CA CYS A 215 -12.75 14.39 18.30
C CYS A 215 -11.52 15.25 18.59
N GLU A 216 -10.66 14.75 19.48
CA GLU A 216 -9.61 15.56 20.09
C GLU A 216 -8.35 15.66 19.25
N ASN A 217 -8.02 14.62 18.48
CA ASN A 217 -6.67 14.45 17.95
C ASN A 217 -6.70 14.21 16.45
N VAL A 218 -5.56 14.52 15.82
CA VAL A 218 -5.32 14.20 14.43
C VAL A 218 -3.99 13.46 14.35
N ILE A 219 -3.96 12.37 13.61
CA ILE A 219 -2.75 11.60 13.36
C ILE A 219 -2.32 11.90 11.93
N VAL A 220 -1.09 12.36 11.74
CA VAL A 220 -0.61 12.78 10.43
C VAL A 220 0.46 11.80 9.97
N ALA A 221 0.34 11.34 8.73
CA ALA A 221 1.30 10.42 8.14
C ALA A 221 2.03 11.09 6.98
N GLY A 222 3.33 10.84 6.90
CA GLY A 222 4.12 11.17 5.72
C GLY A 222 4.39 9.92 4.91
N ILE A 223 4.15 10.02 3.59
CA ILE A 223 4.26 8.93 2.62
C ILE A 223 5.35 9.30 1.63
N ALA A 224 6.56 8.73 1.76
CA ALA A 224 7.70 9.25 1.00
C ALA A 224 7.59 8.93 -0.49
N MET A 225 7.85 9.93 -1.34
CA MET A 225 7.95 9.76 -2.78
C MET A 225 9.36 9.34 -3.16
N ASN A 226 9.53 8.97 -4.43
CA ASN A 226 10.82 8.50 -4.90
C ASN A 226 11.66 9.63 -5.45
N ARG A 227 12.89 9.73 -4.95
CA ARG A 227 13.78 10.83 -5.30
C ARG A 227 14.08 10.87 -6.80
N GLU A 228 14.54 9.76 -7.37
CA GLU A 228 14.94 9.78 -8.77
C GLU A 228 13.78 10.13 -9.69
N MET A 229 12.58 9.65 -9.38
CA MET A 229 11.43 9.92 -10.24
C MET A 229 10.98 11.37 -10.10
N MET A 230 10.99 11.92 -8.88
CA MET A 230 10.55 13.29 -8.71
C MET A 230 11.52 14.26 -9.38
N GLN A 231 12.81 13.91 -9.42
N GLN A 231 12.81 13.90 -9.43
CA GLN A 231 13.78 14.79 -10.09
CA GLN A 231 13.80 14.75 -10.08
C GLN A 231 13.55 14.89 -11.59
C GLN A 231 13.59 14.84 -11.58
N THR A 232 12.67 14.05 -12.16
CA THR A 232 12.30 14.22 -13.56
C THR A 232 11.19 15.24 -13.76
N ALA A 233 10.70 15.86 -12.69
CA ALA A 233 9.71 16.92 -12.80
C ALA A 233 10.16 17.94 -13.84
N PRO A 234 9.24 18.38 -14.70
CA PRO A 234 7.78 18.22 -14.75
C PRO A 234 7.33 17.02 -15.59
N ASN A 235 8.21 16.06 -15.84
CA ASN A 235 7.95 15.01 -16.81
C ASN A 235 7.21 13.83 -16.17
N SER A 236 6.98 12.78 -16.96
CA SER A 236 5.95 11.80 -16.59
C SER A 236 6.33 10.99 -15.35
N MET A 237 7.62 10.73 -15.13
CA MET A 237 7.96 9.85 -14.00
C MET A 237 7.72 10.52 -12.66
N ALA A 238 7.80 11.86 -12.60
CA ALA A 238 7.37 12.57 -11.41
C ALA A 238 5.88 12.41 -11.17
N CYS A 239 5.09 12.37 -12.25
CA CYS A 239 3.67 12.11 -12.11
C CYS A 239 3.41 10.73 -11.52
N ALA A 240 4.28 9.76 -11.85
CA ALA A 240 4.01 8.39 -11.43
C ALA A 240 4.30 8.18 -9.95
N THR A 241 5.38 8.77 -9.43
CA THR A 241 5.61 8.62 -7.99
C THR A 241 4.52 9.35 -7.19
N THR A 242 4.06 10.51 -7.68
CA THR A 242 2.92 11.18 -7.08
C THR A 242 1.72 10.25 -7.01
N ALA A 243 1.37 9.66 -8.16
CA ALA A 243 0.16 8.83 -8.27
C ALA A 243 0.20 7.63 -7.34
N PHE A 244 1.29 6.85 -7.38
CA PHE A 244 1.40 5.69 -6.51
C PHE A 244 1.26 6.08 -5.04
N CYS A 245 1.81 7.24 -4.66
CA CYS A 245 1.71 7.63 -3.25
C CYS A 245 0.29 8.01 -2.85
N TYR A 246 -0.54 8.48 -3.79
CA TYR A 246 -1.94 8.70 -3.44
C TYR A 246 -2.65 7.38 -3.12
N SER A 247 -2.32 6.31 -3.84
CA SER A 247 -2.95 5.03 -3.49
C SER A 247 -2.39 4.50 -2.17
N ARG A 248 -1.12 4.76 -1.89
CA ARG A 248 -0.58 4.42 -0.57
C ARG A 248 -1.29 5.20 0.53
N MET A 249 -1.58 6.49 0.27
CA MET A 249 -2.32 7.27 1.26
C MET A 249 -3.66 6.64 1.58
N CYS A 250 -4.37 6.20 0.54
CA CYS A 250 -5.70 5.65 0.75
C CYS A 250 -5.63 4.37 1.59
N MET A 251 -4.69 3.48 1.28
N MET A 251 -4.70 3.47 1.26
CA MET A 251 -4.59 2.25 2.06
CA MET A 251 -4.53 2.25 2.05
C MET A 251 -4.18 2.55 3.50
C MET A 251 -4.21 2.58 3.49
N PHE A 252 -3.34 3.57 3.70
CA PHE A 252 -2.98 3.97 5.06
C PHE A 252 -4.20 4.38 5.85
N ASP A 253 -5.01 5.30 5.31
CA ASP A 253 -6.19 5.77 6.04
C ASP A 253 -7.10 4.61 6.41
N MET A 254 -7.37 3.71 5.46
CA MET A 254 -8.32 2.64 5.70
C MET A 254 -7.79 1.66 6.74
N TRP A 255 -6.53 1.25 6.57
CA TRP A 255 -5.87 0.41 7.57
C TRP A 255 -5.93 1.03 8.96
N LEU A 256 -5.50 2.29 9.07
CA LEU A 256 -5.38 2.88 10.40
C LEU A 256 -6.75 3.12 11.01
N CYS A 257 -7.72 3.56 10.21
CA CYS A 257 -9.06 3.76 10.75
C CYS A 257 -9.63 2.45 11.29
N GLN A 258 -9.42 1.36 10.55
CA GLN A 258 -9.89 0.05 11.02
C GLN A 258 -9.20 -0.36 12.31
N PHE A 259 -7.89 -0.13 12.43
CA PHE A 259 -7.21 -0.42 13.68
C PHE A 259 -7.83 0.37 14.83
N ILE A 260 -8.01 1.69 14.64
CA ILE A 260 -8.55 2.53 15.70
C ILE A 260 -9.95 2.07 16.09
N ARG A 261 -10.79 1.78 15.10
CA ARG A 261 -12.13 1.31 15.39
C ARG A 261 -12.12 -0.01 16.16
N TYR A 262 -11.22 -0.92 15.77
CA TYR A 262 -11.10 -2.21 16.45
C TYR A 262 -10.46 -2.08 17.84
N MET A 263 -9.89 -0.92 18.16
CA MET A 263 -9.47 -0.61 19.53
C MET A 263 -10.58 0.00 20.37
N GLY A 264 -11.75 0.24 19.80
CA GLY A 264 -12.88 0.78 20.53
C GLY A 264 -13.07 2.27 20.42
N TYR A 265 -12.44 2.93 19.47
CA TYR A 265 -12.58 4.36 19.24
C TYR A 265 -13.17 4.56 17.85
N TYR A 266 -13.45 5.82 17.49
CA TYR A 266 -13.87 6.10 16.13
C TYR A 266 -12.73 6.79 15.39
N ALA A 267 -12.86 6.82 14.06
CA ALA A 267 -11.76 7.32 13.24
C ALA A 267 -12.32 7.83 11.93
N ILE A 268 -11.86 9.00 11.51
CA ILE A 268 -12.28 9.65 10.27
C ILE A 268 -11.09 9.72 9.31
N PRO A 269 -11.15 9.05 8.16
CA PRO A 269 -10.10 9.18 7.15
C PRO A 269 -10.23 10.53 6.43
N SER A 270 -9.19 10.91 5.66
CA SER A 270 -9.33 12.15 4.88
C SER A 270 -8.57 12.22 3.54
N CYS A 271 -7.37 11.60 3.43
CA CYS A 271 -6.51 11.84 2.26
C CYS A 271 -6.46 13.33 1.96
N ASN A 272 -6.83 13.79 0.76
CA ASN A 272 -6.75 15.22 0.45
C ASN A 272 -7.98 16.01 0.91
N GLY A 273 -8.97 15.36 1.54
CA GLY A 273 -10.17 16.03 1.99
C GLY A 273 -10.10 16.51 3.43
N VAL A 274 -11.23 17.06 3.88
CA VAL A 274 -11.58 17.40 5.27
C VAL A 274 -10.82 18.62 5.81
N GLY A 275 -9.51 18.67 5.61
CA GLY A 275 -8.74 19.80 6.12
C GLY A 275 -7.39 19.93 5.46
N GLN A 276 -6.64 20.96 5.89
CA GLN A 276 -5.39 21.34 5.24
C GLN A 276 -4.23 20.54 5.83
N SER A 277 -3.70 19.59 5.05
CA SER A 277 -2.71 18.64 5.54
C SER A 277 -1.42 19.31 6.00
N VAL A 278 -1.00 20.38 5.32
CA VAL A 278 0.28 21.00 5.67
C VAL A 278 0.23 21.56 7.08
N ALA A 279 -0.87 22.23 7.44
CA ALA A 279 -0.99 22.80 8.77
C ALA A 279 -0.98 21.71 9.83
N PHE A 280 -1.74 20.63 9.61
CA PHE A 280 -1.75 19.55 10.57
C PHE A 280 -0.36 18.94 10.71
N ALA A 281 0.34 18.76 9.59
CA ALA A 281 1.68 18.18 9.63
C ALA A 281 2.64 19.06 10.43
N VAL A 282 2.55 20.38 10.25
CA VAL A 282 3.39 21.29 11.03
C VAL A 282 3.07 21.18 12.52
N GLU A 283 1.79 21.14 12.88
CA GLU A 283 1.41 21.08 14.28
C GLU A 283 1.75 19.73 14.91
N ALA A 284 1.82 18.68 14.11
CA ALA A 284 2.20 17.34 14.57
C ALA A 284 3.71 17.13 14.56
N GLY A 285 4.49 18.12 14.14
CA GLY A 285 5.94 18.01 14.19
C GLY A 285 6.59 17.25 13.07
N LEU A 286 5.88 16.94 11.97
CA LEU A 286 6.55 16.27 10.87
C LEU A 286 7.60 17.17 10.22
N GLY A 287 7.36 18.47 10.21
CA GLY A 287 8.28 19.38 9.55
C GLY A 287 7.83 20.82 9.73
N GLN A 288 8.37 21.70 8.89
CA GLN A 288 8.03 23.12 8.91
C GLN A 288 7.44 23.55 7.57
N ALA A 289 6.58 24.57 7.61
CA ALA A 289 6.11 25.19 6.38
C ALA A 289 7.27 25.88 5.66
N SER A 290 7.11 26.08 4.34
CA SER A 290 8.19 26.51 3.47
C SER A 290 7.69 27.58 2.51
N ARG A 291 8.64 28.20 1.79
CA ARG A 291 8.27 29.19 0.77
C ARG A 291 7.34 28.57 -0.26
N MET A 292 7.64 27.36 -0.74
CA MET A 292 6.76 26.76 -1.75
C MET A 292 5.36 26.49 -1.19
N GLY A 293 5.23 26.36 0.13
CA GLY A 293 3.96 26.07 0.77
C GLY A 293 3.85 24.67 1.33
N ALA A 294 4.77 23.77 1.00
CA ALA A 294 4.71 22.40 1.49
C ALA A 294 5.35 22.30 2.86
N CYS A 295 5.06 21.20 3.54
CA CYS A 295 5.75 20.82 4.76
C CYS A 295 7.09 20.20 4.40
N ILE A 296 8.19 20.80 4.84
CA ILE A 296 9.53 20.27 4.60
C ILE A 296 9.95 19.46 5.81
N THR A 297 10.31 18.19 5.58
CA THR A 297 10.68 17.28 6.64
C THR A 297 12.18 17.06 6.67
N PRO A 298 12.77 16.76 7.83
CA PRO A 298 14.21 16.49 7.85
C PRO A 298 14.62 15.29 7.01
N GLU A 299 13.77 14.27 6.91
CA GLU A 299 14.14 13.03 6.22
C GLU A 299 14.00 13.15 4.71
N PHE A 300 12.96 13.84 4.24
CA PHE A 300 12.60 13.83 2.83
C PHE A 300 12.51 15.22 2.20
N GLY A 301 12.77 16.28 2.96
CA GLY A 301 12.42 17.61 2.49
C GLY A 301 10.93 17.63 2.20
N PRO A 302 10.53 18.34 1.15
CA PRO A 302 9.12 18.38 0.76
C PRO A 302 8.68 17.19 -0.09
N ASN A 303 9.59 16.24 -0.37
CA ASN A 303 9.32 15.17 -1.31
C ASN A 303 8.63 14.01 -0.60
N VAL A 304 7.46 14.33 -0.05
CA VAL A 304 6.71 13.41 0.81
C VAL A 304 5.25 13.83 0.74
N ARG A 305 4.37 12.86 0.58
CA ARG A 305 2.94 13.14 0.62
C ARG A 305 2.42 13.01 2.05
N LEU A 306 1.27 13.63 2.31
CA LEU A 306 0.65 13.68 3.61
C LEU A 306 -0.77 13.15 3.56
N THR A 307 -1.17 12.41 4.58
CA THR A 307 -2.58 12.15 4.82
C THR A 307 -2.80 12.24 6.32
N LYS A 308 -4.07 12.12 6.76
CA LYS A 308 -4.34 12.28 8.18
C LYS A 308 -5.65 11.59 8.54
N VAL A 309 -5.76 11.26 9.83
CA VAL A 309 -6.92 10.58 10.40
C VAL A 309 -7.28 11.29 11.70
N PHE A 310 -8.57 11.53 11.90
CA PHE A 310 -9.06 12.25 13.08
C PHE A 310 -9.71 11.25 14.03
N THR A 311 -9.47 11.42 15.34
CA THR A 311 -9.96 10.40 16.27
C THR A 311 -10.17 10.97 17.67
N ASN A 312 -11.04 10.31 18.44
CA ASN A 312 -11.18 10.54 19.87
C ASN A 312 -10.24 9.69 20.72
N MET A 313 -9.48 8.79 20.11
CA MET A 313 -8.53 7.97 20.85
C MET A 313 -7.60 8.87 21.67
N PRO A 314 -7.49 8.66 22.99
CA PRO A 314 -6.51 9.44 23.77
C PRO A 314 -5.11 9.22 23.23
N LEU A 315 -4.36 10.32 23.04
CA LEU A 315 -3.02 10.26 22.49
C LEU A 315 -2.15 11.34 23.12
N VAL A 316 -0.84 11.18 23.00
CA VAL A 316 0.13 12.18 23.46
C VAL A 316 0.56 13.01 22.26
N PRO A 317 0.27 14.31 22.22
CA PRO A 317 0.71 15.11 21.07
C PRO A 317 2.22 15.16 20.98
N ASP A 318 2.73 15.19 19.74
CA ASP A 318 4.15 15.36 19.54
C ASP A 318 4.51 16.85 19.61
N LYS A 319 5.83 17.11 19.80
CA LYS A 319 6.24 18.51 19.81
C LYS A 319 6.52 19.00 18.38
N PRO A 320 6.25 20.27 18.10
CA PRO A 320 6.66 20.82 16.81
C PRO A 320 8.18 20.83 16.71
N ILE A 321 8.67 21.01 15.49
CA ILE A 321 10.10 20.99 15.22
C ILE A 321 10.50 22.29 14.52
N ASP A 322 11.68 22.81 14.85
CA ASP A 322 12.19 23.97 14.13
C ASP A 322 13.65 23.66 13.84
N PHE A 323 13.93 23.22 12.60
CA PHE A 323 15.32 23.01 12.18
C PHE A 323 15.81 24.08 11.22
N GLY A 324 15.21 25.27 11.27
CA GLY A 324 15.74 26.41 10.54
C GLY A 324 15.16 26.62 9.16
N VAL A 325 14.06 25.93 8.81
CA VAL A 325 13.54 26.02 7.44
C VAL A 325 13.17 27.45 7.10
N THR A 326 12.46 28.13 8.01
CA THR A 326 12.02 29.49 7.73
C THR A 326 13.18 30.38 7.33
N GLU A 327 14.30 30.25 8.05
CA GLU A 327 15.45 31.10 7.79
C GLU A 327 16.12 30.74 6.47
N PHE A 328 16.17 29.45 6.13
CA PHE A 328 16.71 29.07 4.82
C PHE A 328 15.81 29.53 3.69
N CYS A 329 14.48 29.36 3.85
CA CYS A 329 13.57 29.82 2.81
C CYS A 329 13.63 31.33 2.63
N GLU A 330 13.98 32.07 3.69
N GLU A 330 14.00 32.06 3.68
CA GLU A 330 14.04 33.53 3.56
CA GLU A 330 14.06 33.51 3.60
C GLU A 330 15.12 33.94 2.56
C GLU A 330 15.14 33.96 2.62
N THR A 331 16.22 33.18 2.49
CA THR A 331 17.33 33.54 1.62
C THR A 331 17.47 32.67 0.38
N CYS A 332 16.75 31.55 0.28
CA CYS A 332 17.03 30.59 -0.78
C CYS A 332 16.36 30.97 -2.11
N LYS A 333 15.04 30.89 -2.15
CA LYS A 333 14.20 31.25 -3.31
C LYS A 333 14.44 30.41 -4.57
N LYS A 334 15.07 29.23 -4.48
CA LYS A 334 15.28 28.44 -5.69
C LYS A 334 13.97 27.98 -6.29
N CYS A 335 13.02 27.57 -5.47
CA CYS A 335 11.75 27.11 -6.03
C CYS A 335 11.06 28.26 -6.78
N ALA A 336 11.12 29.47 -6.23
CA ALA A 336 10.49 30.61 -6.91
C ALA A 336 11.17 30.92 -8.24
N ARG A 337 12.50 30.78 -8.30
CA ARG A 337 13.19 31.11 -9.54
C ARG A 337 12.98 30.04 -10.60
N GLU A 338 12.84 28.79 -10.19
CA GLU A 338 12.67 27.70 -11.14
C GLU A 338 11.22 27.41 -11.52
N CYS A 339 10.25 27.91 -10.75
CA CYS A 339 8.84 27.64 -11.03
C CYS A 339 8.47 28.03 -12.47
N PRO A 340 7.97 27.09 -13.29
CA PRO A 340 7.67 27.45 -14.68
C PRO A 340 6.52 28.41 -14.85
N SER A 341 5.71 28.64 -13.81
CA SER A 341 4.58 29.54 -13.90
C SER A 341 4.77 30.80 -13.06
N LYS A 342 5.91 30.94 -12.38
CA LYS A 342 6.14 32.04 -11.44
C LYS A 342 5.02 32.14 -10.41
N ALA A 343 4.56 31.00 -9.92
CA ALA A 343 3.49 30.99 -8.94
C ALA A 343 3.97 31.31 -7.54
N ILE A 344 5.24 31.08 -7.24
CA ILE A 344 5.77 31.17 -5.89
C ILE A 344 6.37 32.55 -5.66
N THR A 345 5.95 33.19 -4.58
CA THR A 345 6.42 34.54 -4.30
C THR A 345 7.90 34.54 -3.92
N GLU A 346 8.59 35.61 -4.33
CA GLU A 346 9.95 35.87 -3.86
C GLU A 346 9.96 36.84 -2.69
N GLY A 347 8.78 37.28 -2.24
CA GLY A 347 8.70 38.27 -1.21
C GLY A 347 8.57 37.71 0.20
N PRO A 348 8.27 38.60 1.14
CA PRO A 348 8.14 38.20 2.54
C PRO A 348 6.82 37.48 2.80
N ARG A 349 6.77 36.79 3.96
CA ARG A 349 5.50 36.25 4.41
C ARG A 349 4.55 37.36 4.85
N THR A 350 3.25 37.14 4.64
CA THR A 350 2.23 38.07 5.10
C THR A 350 1.04 37.27 5.62
N PHE A 351 0.09 37.98 6.23
CA PHE A 351 -1.19 37.42 6.65
C PHE A 351 -2.28 37.59 5.58
N GLU A 352 -1.95 38.16 4.42
CA GLU A 352 -2.95 38.57 3.44
C GLU A 352 -2.89 37.64 2.22
N GLY A 353 -3.97 36.93 1.97
CA GLY A 353 -3.99 36.00 0.87
C GLY A 353 -3.76 36.69 -0.46
N ARG A 354 -3.08 35.98 -1.36
CA ARG A 354 -2.86 36.50 -2.70
C ARG A 354 -4.15 36.52 -3.51
N SER A 355 -4.99 35.50 -3.32
CA SER A 355 -6.25 35.40 -4.05
C SER A 355 -7.18 34.49 -3.26
N ILE A 356 -8.33 34.17 -3.87
CA ILE A 356 -9.34 33.34 -3.22
C ILE A 356 -8.77 31.99 -2.78
N HIS A 357 -7.71 31.51 -3.43
CA HIS A 357 -7.21 30.17 -3.12
C HIS A 357 -6.45 30.10 -1.80
N ASN A 358 -6.01 31.22 -1.26
CA ASN A 358 -5.25 31.25 -0.02
C ASN A 358 -6.18 31.54 1.14
N GLN A 359 -5.90 30.92 2.29
CA GLN A 359 -6.60 31.24 3.53
C GLN A 359 -5.89 32.40 4.21
N SER A 360 -6.55 33.56 4.29
CA SER A 360 -5.97 34.72 4.97
C SER A 360 -6.00 34.55 6.49
N GLY A 361 -5.16 35.31 7.17
CA GLY A 361 -5.13 35.30 8.61
C GLY A 361 -4.09 34.40 9.24
N LYS A 362 -3.19 33.82 8.44
CA LYS A 362 -2.09 33.02 8.96
C LYS A 362 -0.81 33.40 8.23
N LEU A 363 0.27 33.55 9.00
CA LEU A 363 1.53 34.02 8.43
C LEU A 363 2.17 32.94 7.58
N GLN A 364 2.33 33.21 6.29
CA GLN A 364 2.86 32.24 5.36
C GLN A 364 3.33 32.97 4.12
N TRP A 365 4.14 32.29 3.32
CA TRP A 365 4.42 32.79 1.99
C TRP A 365 3.19 32.57 1.10
N GLN A 366 2.71 33.63 0.47
CA GLN A 366 1.44 33.64 -0.26
C GLN A 366 1.72 33.43 -1.74
N ASN A 367 1.30 32.29 -2.26
CA ASN A 367 1.59 31.90 -3.64
C ASN A 367 0.32 31.95 -4.48
N ASP A 368 0.50 32.15 -5.79
CA ASP A 368 -0.63 32.24 -6.72
C ASP A 368 -0.89 30.84 -7.27
N TYR A 369 -1.88 30.15 -6.72
CA TYR A 369 -2.06 28.76 -7.08
C TYR A 369 -2.89 28.58 -8.34
N ASN A 370 -3.52 29.64 -8.84
CA ASN A 370 -4.09 29.57 -10.18
C ASN A 370 -2.99 29.49 -11.23
N LYS A 371 -1.90 30.23 -11.02
CA LYS A 371 -0.76 30.14 -11.92
C LYS A 371 -0.17 28.75 -11.94
N CYS A 372 -0.01 28.14 -10.76
CA CYS A 372 0.51 26.77 -10.69
C CYS A 372 -0.35 25.82 -11.49
N LEU A 373 -1.67 25.80 -11.20
CA LEU A 373 -2.54 24.85 -11.89
C LEU A 373 -2.54 25.09 -13.40
N GLY A 374 -2.36 26.35 -13.82
CA GLY A 374 -2.32 26.66 -15.24
C GLY A 374 -1.20 25.96 -15.99
N TYR A 375 -0.10 25.65 -15.28
CA TYR A 375 1.00 24.95 -15.93
C TYR A 375 0.76 23.45 -16.08
N TRP A 376 -0.23 22.91 -15.37
CA TRP A 376 -0.43 21.45 -15.43
C TRP A 376 -0.97 21.02 -16.79
N PRO A 377 -1.99 21.67 -17.37
CA PRO A 377 -2.36 21.30 -18.76
C PRO A 377 -1.27 21.57 -19.77
N GLU A 378 -0.50 22.64 -19.54
CA GLU A 378 0.57 22.97 -20.48
C GLU A 378 1.63 21.88 -20.51
N SER A 379 1.95 21.31 -19.35
CA SER A 379 3.00 20.31 -19.24
C SER A 379 2.47 18.89 -19.26
N GLY A 380 1.16 18.70 -19.14
CA GLY A 380 0.59 17.37 -19.14
C GLY A 380 0.89 16.54 -17.91
N GLY A 381 1.09 17.16 -16.77
CA GLY A 381 1.39 16.43 -15.56
C GLY A 381 1.03 17.22 -14.31
N TYR A 382 1.70 16.89 -13.19
CA TYR A 382 1.48 17.56 -11.91
C TYR A 382 2.68 18.41 -11.52
N CYS A 383 3.50 18.77 -12.50
CA CYS A 383 4.74 19.51 -12.32
C CYS A 383 5.57 18.92 -11.18
N GLY A 384 5.74 19.66 -10.08
CA GLY A 384 6.63 19.24 -9.00
C GLY A 384 8.04 19.79 -9.09
N VAL A 385 8.31 20.71 -10.03
CA VAL A 385 9.64 21.29 -10.15
C VAL A 385 10.09 21.92 -8.83
N CYS A 386 9.18 22.55 -8.08
CA CYS A 386 9.60 23.16 -6.83
C CYS A 386 10.07 22.08 -5.82
N VAL A 387 9.36 20.95 -5.74
CA VAL A 387 9.84 19.84 -4.88
C VAL A 387 11.20 19.31 -5.37
N ALA A 388 11.33 19.18 -6.69
CA ALA A 388 12.53 18.61 -7.28
C ALA A 388 13.77 19.47 -7.02
N VAL A 389 13.64 20.80 -7.09
CA VAL A 389 14.83 21.65 -6.95
C VAL A 389 15.12 22.07 -5.53
N CYS A 390 14.21 21.83 -4.60
CA CYS A 390 14.44 22.26 -3.22
C CYS A 390 15.66 21.53 -2.65
N PRO A 391 16.65 22.24 -2.08
CA PRO A 391 17.79 21.53 -1.53
C PRO A 391 17.43 20.51 -0.47
N PHE A 392 16.33 20.71 0.26
CA PHE A 392 15.96 19.74 1.29
C PHE A 392 15.52 18.41 0.70
N THR A 393 15.15 18.37 -0.59
CA THR A 393 14.84 17.10 -1.25
C THR A 393 16.09 16.26 -1.47
N LYS A 394 17.26 16.87 -1.45
CA LYS A 394 18.50 16.11 -1.60
C LYS A 394 18.69 15.18 -0.39
N GLY A 395 19.21 13.98 -0.63
CA GLY A 395 19.37 13.03 0.47
C GLY A 395 20.51 13.34 1.42
N ASN A 396 21.23 14.44 1.19
CA ASN A 396 22.62 14.66 1.58
C ASN A 396 22.79 15.96 2.36
N ILE A 397 21.77 16.37 3.11
CA ILE A 397 21.81 17.74 3.61
C ILE A 397 22.40 17.83 5.03
N TRP A 398 22.38 16.74 5.78
CA TRP A 398 22.71 16.77 7.20
C TRP A 398 24.17 16.44 7.45
N ILE A 399 24.83 17.26 8.25
CA ILE A 399 26.19 16.95 8.68
C ILE A 399 26.26 17.13 10.19
N HIS A 400 27.21 16.43 10.80
CA HIS A 400 27.44 16.52 12.23
C HIS A 400 28.82 17.14 12.43
N ASP A 401 28.91 18.15 13.30
CA ASP A 401 30.16 18.87 13.47
C ASP A 401 30.97 18.39 14.67
N GLY A 402 30.64 17.23 15.24
CA GLY A 402 31.26 16.74 16.45
C GLY A 402 30.51 17.07 17.71
N VAL A 403 29.65 18.09 17.68
CA VAL A 403 28.79 18.45 18.79
C VAL A 403 27.32 18.24 18.45
N GLU A 404 26.89 18.66 17.26
CA GLU A 404 25.47 18.64 16.94
C GLU A 404 25.29 18.57 15.43
N TRP A 405 24.04 18.36 15.02
CA TRP A 405 23.66 18.30 13.62
C TRP A 405 23.40 19.71 13.07
N LEU A 406 23.67 19.86 11.78
CA LEU A 406 23.44 21.13 11.09
C LEU A 406 23.19 20.87 9.61
N ILE A 407 22.62 21.87 8.95
N ILE A 407 22.61 21.87 8.95
CA ILE A 407 22.36 21.82 7.52
CA ILE A 407 22.36 21.84 7.51
C ILE A 407 23.59 22.33 6.77
C ILE A 407 23.62 22.32 6.79
N ASP A 408 23.99 21.61 5.73
CA ASP A 408 25.13 22.00 4.90
C ASP A 408 24.74 23.15 3.97
N ASN A 409 25.23 24.35 4.25
CA ASN A 409 24.89 25.51 3.41
C ASN A 409 25.33 25.36 1.96
N THR A 410 26.26 24.46 1.67
CA THR A 410 26.75 24.37 0.30
C THR A 410 25.63 23.95 -0.65
N ARG A 411 24.63 23.26 -0.10
CA ARG A 411 23.48 22.78 -0.88
C ARG A 411 22.59 23.88 -1.39
N PHE A 412 22.73 25.06 -0.84
CA PHE A 412 21.85 26.18 -1.17
C PHE A 412 22.51 27.17 -2.11
N LEU A 413 23.75 26.91 -2.52
CA LEU A 413 24.47 27.81 -3.43
C LEU A 413 23.87 27.75 -4.83
N ASN A 431 18.09 11.53 -17.23
CA ASN A 431 16.95 11.39 -18.13
C ASN A 431 16.08 10.22 -17.71
N ILE A 432 14.91 10.11 -18.35
CA ILE A 432 13.91 9.13 -17.92
C ILE A 432 14.31 7.70 -18.29
N THR A 433 14.98 7.52 -19.43
CA THR A 433 15.52 6.21 -19.73
C THR A 433 16.40 5.70 -18.59
N GLU A 434 17.27 6.57 -18.07
CA GLU A 434 18.15 6.16 -16.98
C GLU A 434 17.35 5.84 -15.71
N VAL A 435 16.21 6.49 -15.50
CA VAL A 435 15.36 6.14 -14.37
C VAL A 435 14.77 4.75 -14.55
N TRP A 436 14.23 4.48 -15.74
CA TRP A 436 13.65 3.16 -15.97
C TRP A 436 14.71 2.06 -15.88
N ASP A 437 15.95 2.37 -16.22
CA ASP A 437 17.04 1.40 -16.20
C ASP A 437 17.80 1.39 -14.87
N GLY A 438 17.41 2.22 -13.90
CA GLY A 438 18.23 2.49 -12.76
C GLY A 438 17.71 1.88 -11.46
N LYS A 439 18.17 2.45 -10.35
CA LYS A 439 17.85 1.92 -9.02
C LYS A 439 16.37 2.02 -8.69
N ILE A 440 15.82 0.93 -8.13
CA ILE A 440 14.47 0.93 -7.60
C ILE A 440 14.43 -0.12 -6.49
N ASN A 441 13.47 0.02 -5.59
CA ASN A 441 13.27 -0.91 -4.49
C ASN A 441 11.78 -0.86 -4.14
N THR A 442 11.39 -1.63 -3.14
CA THR A 442 9.97 -1.81 -2.86
C THR A 442 9.30 -0.48 -2.53
N TYR A 443 8.17 -0.22 -3.20
CA TYR A 443 7.39 1.03 -3.06
C TYR A 443 8.20 2.25 -3.45
N GLY A 444 9.29 2.06 -4.19
CA GLY A 444 10.17 3.16 -4.55
C GLY A 444 10.98 3.71 -3.41
N LEU A 445 10.98 3.04 -2.25
CA LEU A 445 11.82 3.45 -1.13
C LEU A 445 13.29 3.15 -1.45
N ASP A 446 14.20 3.87 -0.77
CA ASP A 446 15.63 3.83 -1.06
C ASP A 446 16.35 3.23 0.13
N ALA A 447 16.97 2.06 -0.07
CA ALA A 447 17.67 1.40 1.03
C ALA A 447 18.85 2.21 1.55
N ASP A 448 19.38 3.17 0.77
CA ASP A 448 20.49 3.97 1.30
C ASP A 448 20.04 4.95 2.37
N HIS A 449 18.75 5.19 2.51
CA HIS A 449 18.23 6.12 3.51
C HIS A 449 17.14 5.51 4.39
N PHE A 450 16.68 4.30 4.09
CA PHE A 450 15.53 3.71 4.80
C PHE A 450 15.81 3.53 6.30
N ARG A 451 17.07 3.43 6.69
CA ARG A 451 17.39 3.39 8.12
C ARG A 451 16.90 4.64 8.85
N ASP A 452 16.80 5.76 8.14
CA ASP A 452 16.39 7.01 8.78
C ASP A 452 14.99 6.94 9.38
N THR A 453 14.14 6.01 8.94
CA THR A 453 12.80 5.94 9.48
C THR A 453 12.59 4.73 10.38
N VAL A 454 13.67 4.10 10.83
CA VAL A 454 13.51 3.04 11.82
C VAL A 454 12.91 3.64 13.09
N SER A 455 12.13 2.85 13.81
CA SER A 455 11.41 3.36 14.98
C SER A 455 11.44 2.34 16.12
N PHE A 456 11.73 2.83 17.32
CA PHE A 456 11.61 2.10 18.57
C PHE A 456 10.66 2.85 19.49
N ARG A 457 10.24 2.20 20.57
CA ARG A 457 9.26 2.84 21.45
C ARG A 457 9.73 4.23 21.87
N LYS A 458 11.03 4.40 22.11
CA LYS A 458 11.53 5.66 22.65
C LYS A 458 11.22 6.83 21.72
N ASP A 459 11.18 6.60 20.42
CA ASP A 459 10.87 7.69 19.49
C ASP A 459 9.40 7.74 19.08
N ARG A 460 8.59 6.78 19.53
CA ARG A 460 7.14 6.88 19.31
C ARG A 460 6.42 7.60 20.44
N VAL A 461 6.89 7.46 21.68
CA VAL A 461 6.23 8.11 22.79
C VAL A 461 7.27 8.33 23.88
N LYS A 462 7.14 9.45 24.59
CA LYS A 462 8.16 9.80 25.59
C LYS A 462 7.57 9.80 26.99
N ALA B 7 22.90 -9.62 -3.03
CA ALA B 7 21.90 -10.66 -3.25
C ALA B 7 21.74 -10.93 -4.75
N ALA B 8 21.99 -9.91 -5.57
CA ALA B 8 21.99 -10.13 -7.02
C ALA B 8 23.14 -11.04 -7.43
N GLU B 9 24.27 -10.94 -6.73
CA GLU B 9 25.36 -11.90 -6.87
C GLU B 9 24.87 -13.33 -6.67
N ILE B 10 24.17 -13.57 -5.56
CA ILE B 10 23.80 -14.93 -5.16
C ILE B 10 22.85 -15.53 -6.18
N ARG B 11 21.83 -14.77 -6.60
CA ARG B 11 20.81 -15.32 -7.48
C ARG B 11 21.36 -15.72 -8.84
N GLN B 12 22.35 -14.99 -9.34
CA GLN B 12 22.98 -15.43 -10.58
C GLN B 12 23.86 -16.64 -10.34
N GLN B 13 24.59 -16.66 -9.23
CA GLN B 13 25.41 -17.83 -8.89
C GLN B 13 24.59 -19.11 -8.88
N PHE B 14 23.33 -19.05 -8.46
CA PHE B 14 22.54 -20.25 -8.28
C PHE B 14 21.50 -20.44 -9.38
N ALA B 15 21.59 -19.70 -10.48
CA ALA B 15 20.67 -19.90 -11.60
C ALA B 15 20.85 -21.30 -12.18
N MET B 16 19.73 -21.98 -12.41
CA MET B 16 19.72 -23.22 -13.17
C MET B 16 19.57 -22.92 -14.65
N THR B 17 19.81 -23.94 -15.49
CA THR B 17 19.40 -23.86 -16.88
C THR B 17 17.86 -23.85 -16.95
N ALA B 18 17.35 -23.45 -18.12
CA ALA B 18 15.90 -23.33 -18.27
C ALA B 18 15.21 -24.69 -18.12
N GLY B 19 13.93 -24.65 -17.74
CA GLY B 19 13.13 -25.84 -17.60
C GLY B 19 12.49 -25.95 -16.22
N SER B 20 11.22 -26.31 -16.15
CA SER B 20 10.54 -26.40 -14.86
C SER B 20 11.25 -27.41 -13.97
N PRO B 21 11.61 -27.05 -12.74
CA PRO B 21 12.28 -28.00 -11.85
C PRO B 21 11.33 -28.95 -11.13
N ILE B 22 10.02 -28.78 -11.25
CA ILE B 22 9.07 -29.65 -10.58
C ILE B 22 8.95 -30.94 -11.38
N ILE B 23 9.27 -32.07 -10.76
CA ILE B 23 9.20 -33.35 -11.44
C ILE B 23 7.80 -33.95 -11.27
N VAL B 24 7.21 -34.36 -12.40
CA VAL B 24 5.84 -34.84 -12.44
C VAL B 24 5.86 -36.23 -13.05
N ASN B 25 4.70 -36.91 -12.98
CA ASN B 25 4.53 -38.19 -13.66
C ASN B 25 3.25 -38.13 -14.48
N ASP B 26 2.91 -39.26 -15.13
CA ASP B 26 1.79 -39.31 -16.04
C ASP B 26 0.44 -39.30 -15.33
N LYS B 27 0.42 -39.35 -14.00
CA LYS B 27 -0.80 -39.33 -13.23
C LYS B 27 -1.30 -37.91 -12.92
N LEU B 28 -0.46 -36.91 -13.08
CA LEU B 28 -0.79 -35.56 -12.64
C LEU B 28 -2.02 -35.02 -13.37
N GLU B 29 -2.94 -34.44 -12.61
CA GLU B 29 -4.12 -33.76 -13.15
C GLU B 29 -4.30 -32.43 -12.45
N ARG B 30 -4.92 -31.47 -13.15
CA ARG B 30 -5.23 -30.19 -12.52
C ARG B 30 -6.14 -30.40 -11.32
N TYR B 31 -6.00 -29.51 -10.35
CA TYR B 31 -6.53 -29.68 -9.00
C TYR B 31 -7.70 -28.72 -8.82
N ALA B 32 -8.84 -29.24 -8.33
CA ALA B 32 -9.99 -28.41 -8.07
C ALA B 32 -9.81 -27.64 -6.77
N GLU B 33 -10.01 -26.32 -6.83
CA GLU B 33 -9.73 -25.45 -5.69
C GLU B 33 -10.51 -25.85 -4.44
N VAL B 34 -11.73 -26.36 -4.61
CA VAL B 34 -12.55 -26.73 -3.46
C VAL B 34 -11.85 -27.78 -2.60
N ARG B 35 -10.85 -28.46 -3.14
CA ARG B 35 -10.16 -29.49 -2.38
C ARG B 35 -9.27 -28.93 -1.28
N THR B 36 -8.96 -27.62 -1.27
CA THR B 36 -8.12 -27.12 -0.18
C THR B 36 -8.84 -27.31 1.15
N ALA B 37 -8.03 -27.38 2.23
CA ALA B 37 -8.60 -27.59 3.56
C ALA B 37 -9.50 -26.44 3.98
N PHE B 38 -9.21 -25.22 3.50
CA PHE B 38 -10.04 -24.06 3.81
C PHE B 38 -11.49 -24.24 3.35
N THR B 39 -11.69 -24.95 2.24
CA THR B 39 -12.98 -24.98 1.57
C THR B 39 -13.65 -26.35 1.56
N HIS B 40 -12.89 -27.43 1.67
CA HIS B 40 -13.48 -28.74 1.42
C HIS B 40 -14.46 -29.11 2.53
N PRO B 41 -15.58 -29.76 2.20
CA PRO B 41 -16.55 -30.10 3.25
C PRO B 41 -16.01 -31.02 4.34
N THR B 42 -15.01 -31.86 4.05
CA THR B 42 -14.47 -32.74 5.07
C THR B 42 -13.64 -32.01 6.12
N SER B 43 -13.17 -30.81 5.82
CA SER B 43 -12.24 -30.07 6.69
C SER B 43 -12.79 -28.73 7.16
N PHE B 44 -13.91 -28.28 6.60
CA PHE B 44 -14.36 -26.90 6.77
C PHE B 44 -14.88 -26.64 8.18
N PHE B 45 -15.53 -27.64 8.78
CA PHE B 45 -16.15 -27.49 10.10
C PHE B 45 -15.24 -28.01 11.19
N LYS B 46 -15.06 -27.21 12.23
CA LYS B 46 -14.22 -27.54 13.39
C LYS B 46 -14.94 -27.10 14.65
N PRO B 47 -14.74 -27.79 15.76
CA PRO B 47 -15.33 -27.36 17.02
C PRO B 47 -14.58 -26.16 17.60
N ASN B 48 -15.31 -25.34 18.34
CA ASN B 48 -14.68 -24.29 19.11
C ASN B 48 -14.31 -24.85 20.49
N TYR B 49 -13.82 -24.00 21.38
CA TYR B 49 -13.37 -24.49 22.69
C TYR B 49 -14.53 -24.91 23.59
N LYS B 50 -15.76 -24.52 23.26
CA LYS B 50 -16.94 -24.97 23.99
C LYS B 50 -17.51 -26.26 23.45
N GLY B 51 -16.95 -26.80 22.37
CA GLY B 51 -17.49 -27.99 21.76
C GLY B 51 -18.53 -27.76 20.68
N GLU B 52 -18.74 -26.53 20.25
CA GLU B 52 -19.72 -26.23 19.20
C GLU B 52 -19.05 -26.30 17.84
N VAL B 53 -19.63 -27.07 16.91
CA VAL B 53 -19.05 -27.21 15.58
C VAL B 53 -19.52 -26.05 14.71
N LYS B 54 -18.56 -25.34 14.10
CA LYS B 54 -18.83 -24.19 13.26
C LYS B 54 -17.87 -24.17 12.07
N PRO B 55 -18.12 -23.35 11.04
CA PRO B 55 -17.05 -23.03 10.10
C PRO B 55 -15.76 -22.72 10.85
N TRP B 56 -14.63 -23.27 10.38
CA TRP B 56 -13.39 -23.22 11.14
C TRP B 56 -13.02 -21.80 11.57
N PHE B 57 -13.26 -20.81 10.71
CA PHE B 57 -12.83 -19.46 11.05
C PHE B 57 -13.73 -18.83 12.12
N LEU B 58 -14.98 -19.28 12.21
CA LEU B 58 -15.85 -18.82 13.29
C LEU B 58 -15.45 -19.43 14.63
N SER B 59 -15.06 -20.70 14.62
CA SER B 59 -14.51 -21.29 15.84
C SER B 59 -13.23 -20.60 16.25
N ALA B 60 -12.39 -20.23 15.27
CA ALA B 60 -11.17 -19.49 15.60
C ALA B 60 -11.51 -18.12 16.19
N TYR B 61 -12.53 -17.45 15.67
CA TYR B 61 -13.00 -16.19 16.25
C TYR B 61 -13.34 -16.36 17.73
N ASP B 62 -14.09 -17.41 18.06
CA ASP B 62 -14.45 -17.65 19.45
C ASP B 62 -13.21 -17.74 20.33
N GLU B 63 -12.14 -18.35 19.81
CA GLU B 63 -10.90 -18.45 20.57
C GLU B 63 -10.24 -17.09 20.74
N LYS B 64 -10.28 -16.24 19.70
CA LYS B 64 -9.73 -14.90 19.83
C LYS B 64 -10.46 -14.12 20.93
N VAL B 65 -11.79 -14.19 20.96
CA VAL B 65 -12.57 -13.52 22.01
C VAL B 65 -12.19 -14.05 23.37
N ARG B 66 -12.17 -15.38 23.53
CA ARG B 66 -11.78 -15.98 24.80
C ARG B 66 -10.41 -15.49 25.25
N GLN B 67 -9.46 -15.39 24.31
CA GLN B 67 -8.10 -14.98 24.70
C GLN B 67 -8.06 -13.53 25.14
N ILE B 68 -8.80 -12.65 24.44
CA ILE B 68 -8.83 -11.24 24.85
C ILE B 68 -9.42 -11.12 26.25
N GLU B 69 -10.55 -11.77 26.48
CA GLU B 69 -11.17 -11.76 27.81
C GLU B 69 -10.20 -12.26 28.87
N ASN B 70 -9.38 -13.26 28.52
CA ASN B 70 -8.44 -13.86 29.45
C ASN B 70 -7.06 -13.20 29.43
N GLY B 71 -6.91 -12.08 28.72
CA GLY B 71 -5.62 -11.40 28.69
C GLY B 71 -4.49 -12.23 28.13
N GLU B 72 -4.75 -12.88 26.99
CA GLU B 72 -3.78 -13.76 26.34
C GLU B 72 -3.54 -13.30 24.91
N ASN B 73 -2.31 -13.48 24.43
CA ASN B 73 -1.94 -13.20 23.05
C ASN B 73 -1.94 -14.45 22.17
N GLY B 74 -2.20 -15.62 22.75
CA GLY B 74 -2.17 -16.86 22.04
C GLY B 74 -2.49 -18.00 22.98
N PRO B 75 -2.44 -19.25 22.50
CA PRO B 75 -2.84 -20.38 23.34
C PRO B 75 -1.90 -20.51 24.53
N LYS B 76 -2.47 -20.37 25.73
CA LYS B 76 -1.71 -20.42 26.99
C LYS B 76 -0.51 -19.47 26.96
N MET B 77 -0.69 -18.32 26.33
CA MET B 77 0.34 -17.28 26.29
C MET B 77 -0.26 -16.01 26.89
N LYS B 78 0.04 -15.75 28.16
CA LYS B 78 -0.48 -14.57 28.81
C LYS B 78 0.10 -13.32 28.17
N ALA B 79 -0.75 -12.32 27.96
CA ALA B 79 -0.30 -11.01 27.51
C ALA B 79 0.09 -10.16 28.71
N LYS B 80 0.69 -9.01 28.44
CA LYS B 80 0.99 -8.08 29.52
C LYS B 80 -0.27 -7.72 30.29
N ASN B 81 -1.39 -7.57 29.58
CA ASN B 81 -2.68 -7.24 30.15
C ASN B 81 -3.72 -7.43 29.04
N VAL B 82 -5.00 -7.24 29.40
CA VAL B 82 -6.07 -7.35 28.43
C VAL B 82 -5.90 -6.35 27.30
N GLY B 83 -5.44 -5.13 27.64
CA GLY B 83 -5.23 -4.12 26.61
C GLY B 83 -4.27 -4.58 25.52
N GLU B 84 -3.16 -5.20 25.91
CA GLU B 84 -2.23 -5.70 24.91
C GLU B 84 -2.88 -6.82 24.07
N ALA B 85 -3.62 -7.73 24.72
CA ALA B 85 -4.31 -8.78 23.96
C ALA B 85 -5.24 -8.17 22.91
N ARG B 86 -6.06 -7.20 23.31
CA ARG B 86 -6.98 -6.51 22.40
C ARG B 86 -6.24 -5.88 21.22
N ALA B 87 -5.09 -5.24 21.50
CA ALA B 87 -4.37 -4.51 20.45
C ALA B 87 -3.84 -5.44 19.37
N GLY B 88 -3.37 -6.63 19.75
CA GLY B 88 -2.84 -7.55 18.77
C GLY B 88 -3.93 -8.06 17.83
N ARG B 89 -5.12 -8.31 18.37
CA ARG B 89 -6.23 -8.76 17.54
C ARG B 89 -6.80 -7.63 16.70
N ALA B 90 -6.78 -6.40 17.24
CA ALA B 90 -7.20 -5.24 16.45
C ALA B 90 -6.26 -5.02 15.28
N LEU B 91 -4.95 -5.19 15.50
CA LEU B 91 -3.99 -5.03 14.40
C LEU B 91 -4.21 -6.11 13.34
N GLU B 92 -4.38 -7.36 13.79
CA GLU B 92 -4.68 -8.46 12.89
C GLU B 92 -5.92 -8.19 12.05
N ALA B 93 -7.04 -7.84 12.71
CA ALA B 93 -8.28 -7.62 11.97
C ALA B 93 -8.12 -6.49 10.95
N ALA B 94 -7.47 -5.40 11.37
CA ALA B 94 -7.27 -4.27 10.45
C ALA B 94 -6.43 -4.64 9.25
N GLY B 95 -5.46 -5.55 9.42
CA GLY B 95 -4.55 -5.87 8.32
C GLY B 95 -5.27 -6.39 7.10
N TRP B 96 -6.37 -7.09 7.30
CA TRP B 96 -7.18 -7.72 6.24
C TRP B 96 -8.08 -6.74 5.47
N THR B 97 -7.95 -5.42 5.66
CA THR B 97 -8.94 -4.48 5.14
C THR B 97 -9.17 -4.64 3.64
N LEU B 98 -8.11 -4.87 2.87
CA LEU B 98 -8.23 -4.94 1.42
C LEU B 98 -8.26 -6.38 0.91
N ASP B 99 -8.87 -7.29 1.66
CA ASP B 99 -8.93 -8.70 1.31
C ASP B 99 -10.34 -9.23 1.55
N ILE B 100 -10.85 -10.02 0.61
CA ILE B 100 -12.21 -10.56 0.71
C ILE B 100 -12.15 -12.00 1.19
N ASN B 101 -12.81 -12.26 2.33
CA ASN B 101 -13.06 -13.62 2.84
C ASN B 101 -11.79 -14.46 2.87
N TYR B 102 -10.69 -13.84 3.30
CA TYR B 102 -9.44 -14.54 3.52
C TYR B 102 -8.85 -15.10 2.23
N GLY B 103 -8.27 -14.22 1.42
CA GLY B 103 -7.47 -14.68 0.31
C GLY B 103 -7.84 -14.15 -1.06
N ASN B 104 -8.97 -13.45 -1.18
CA ASN B 104 -9.40 -12.89 -2.48
C ASN B 104 -9.52 -13.98 -3.55
N ILE B 105 -10.02 -15.16 -3.19
CA ILE B 105 -9.91 -16.27 -4.14
C ILE B 105 -10.97 -16.25 -5.24
N TYR B 106 -12.12 -15.62 -5.05
CA TYR B 106 -13.16 -15.65 -6.11
C TYR B 106 -12.66 -14.89 -7.34
N PRO B 107 -12.48 -15.53 -8.49
CA PRO B 107 -11.93 -14.81 -9.64
C PRO B 107 -12.98 -13.88 -10.23
N ASN B 108 -12.53 -12.70 -10.70
CA ASN B 108 -13.41 -11.75 -11.39
C ASN B 108 -14.54 -11.25 -10.50
N ARG B 109 -14.26 -11.10 -9.19
CA ARG B 109 -15.17 -10.52 -8.21
C ARG B 109 -14.41 -9.52 -7.35
N PHE B 110 -15.14 -8.51 -6.86
CA PHE B 110 -14.59 -7.55 -5.91
C PHE B 110 -13.29 -6.93 -6.41
N PHE B 111 -12.15 -7.19 -5.75
CA PHE B 111 -10.89 -6.60 -6.20
C PHE B 111 -10.22 -7.36 -7.36
N MET B 112 -10.63 -8.60 -7.63
CA MET B 112 -9.94 -9.45 -8.60
C MET B 112 -10.60 -9.41 -9.97
N LEU B 113 -10.93 -8.22 -10.49
CA LEU B 113 -11.59 -8.15 -11.78
C LEU B 113 -10.63 -8.53 -12.91
N TRP B 114 -11.12 -9.32 -13.86
CA TRP B 114 -10.33 -9.78 -14.99
C TRP B 114 -10.27 -8.76 -16.13
N SER B 115 -11.12 -7.74 -16.10
CA SER B 115 -11.04 -6.59 -16.99
C SER B 115 -10.99 -5.33 -16.15
N GLY B 116 -10.29 -4.31 -16.65
CA GLY B 116 -10.28 -3.04 -15.94
C GLY B 116 -11.42 -2.10 -16.29
N GLU B 117 -12.33 -2.51 -17.17
CA GLU B 117 -13.23 -1.56 -17.82
C GLU B 117 -14.15 -0.84 -16.82
N THR B 118 -14.61 -1.54 -15.78
CA THR B 118 -15.54 -0.93 -14.83
C THR B 118 -14.86 -0.23 -13.66
N MET B 119 -13.54 -0.33 -13.51
CA MET B 119 -12.90 0.24 -12.33
C MET B 119 -12.97 1.76 -12.35
N THR B 120 -13.04 2.37 -11.15
CA THR B 120 -13.14 3.83 -11.09
C THR B 120 -11.93 4.49 -11.73
N ASN B 121 -10.74 3.91 -11.54
CA ASN B 121 -9.52 4.50 -12.10
C ASN B 121 -9.56 4.46 -13.63
N THR B 122 -9.97 3.32 -14.19
CA THR B 122 -10.08 3.23 -15.65
C THR B 122 -11.07 4.25 -16.20
N GLN B 123 -12.21 4.43 -15.53
CA GLN B 123 -13.20 5.39 -16.04
C GLN B 123 -12.67 6.81 -16.00
N LEU B 124 -11.98 7.17 -14.92
CA LEU B 124 -11.41 8.50 -14.80
C LEU B 124 -10.40 8.78 -15.91
N TRP B 125 -9.63 7.76 -16.28
CA TRP B 125 -8.56 7.88 -17.26
C TRP B 125 -9.02 7.58 -18.68
N ALA B 126 -10.30 7.25 -18.87
CA ALA B 126 -10.80 6.85 -20.18
C ALA B 126 -10.45 7.82 -21.32
N PRO B 127 -10.51 9.14 -21.15
CA PRO B 127 -10.19 10.02 -22.29
C PRO B 127 -8.79 9.84 -22.83
N VAL B 128 -7.84 9.35 -22.04
CA VAL B 128 -6.49 9.15 -22.56
C VAL B 128 -6.43 7.90 -23.45
N GLY B 129 -7.29 6.92 -23.20
CA GLY B 129 -7.36 5.73 -24.04
C GLY B 129 -6.21 4.76 -23.93
N LEU B 130 -5.51 4.74 -22.78
CA LEU B 130 -4.35 3.84 -22.65
C LEU B 130 -4.78 2.38 -22.73
N ASP B 131 -5.95 2.05 -22.20
CA ASP B 131 -6.35 0.65 -22.23
C ASP B 131 -6.93 0.22 -23.57
N ARG B 132 -7.20 1.15 -24.48
CA ARG B 132 -7.70 0.78 -25.80
C ARG B 132 -6.65 0.91 -26.89
N ARG B 133 -5.59 1.62 -26.63
CA ARG B 133 -4.54 1.84 -27.61
C ARG B 133 -3.70 0.57 -27.76
N PRO B 134 -3.43 0.13 -28.98
CA PRO B 134 -2.54 -1.04 -29.17
C PRO B 134 -1.21 -0.81 -28.49
N PRO B 135 -0.49 -1.87 -28.14
CA PRO B 135 0.82 -1.69 -27.49
C PRO B 135 1.76 -0.88 -28.37
N ASP B 136 2.54 -0.02 -27.73
CA ASP B 136 3.64 0.64 -28.44
C ASP B 136 4.95 -0.12 -28.28
N THR B 137 5.00 -1.11 -27.41
CA THR B 137 6.20 -1.90 -27.17
C THR B 137 5.79 -3.37 -27.21
N THR B 138 6.46 -4.15 -28.06
CA THR B 138 6.26 -5.60 -28.13
C THR B 138 7.54 -6.37 -27.84
N ASP B 139 8.66 -5.68 -27.68
CA ASP B 139 9.95 -6.27 -27.34
C ASP B 139 9.90 -6.88 -25.93
N PRO B 140 10.01 -8.20 -25.78
CA PRO B 140 9.91 -8.79 -24.43
C PRO B 140 11.00 -8.34 -23.49
N VAL B 141 12.16 -7.90 -24.00
CA VAL B 141 13.23 -7.42 -23.12
C VAL B 141 12.83 -6.10 -22.47
N GLU B 142 12.40 -5.13 -23.28
CA GLU B 142 12.00 -3.85 -22.70
C GLU B 142 10.78 -4.01 -21.81
N LEU B 143 9.84 -4.86 -22.21
CA LEU B 143 8.63 -5.05 -21.40
C LEU B 143 8.94 -5.69 -20.06
N THR B 144 9.88 -6.64 -20.04
CA THR B 144 10.28 -7.25 -18.78
C THR B 144 10.89 -6.21 -17.85
N ASN B 145 11.72 -5.33 -18.39
CA ASN B 145 12.27 -4.24 -17.58
C ASN B 145 11.17 -3.31 -17.06
N TYR B 146 10.26 -2.89 -17.93
CA TYR B 146 9.17 -2.00 -17.52
C TYR B 146 8.29 -2.64 -16.45
N VAL B 147 7.87 -3.88 -16.67
CA VAL B 147 6.88 -4.47 -15.77
C VAL B 147 7.51 -4.80 -14.43
N LYS B 148 8.80 -5.13 -14.41
CA LYS B 148 9.44 -5.42 -13.13
C LYS B 148 9.64 -4.12 -12.34
N PHE B 149 10.01 -3.03 -13.01
CA PHE B 149 10.07 -1.73 -12.33
C PHE B 149 8.71 -1.41 -11.73
N ALA B 150 7.65 -1.56 -12.52
CA ALA B 150 6.29 -1.29 -12.02
C ALA B 150 5.96 -2.19 -10.85
N ALA B 151 6.38 -3.46 -10.91
CA ALA B 151 6.09 -4.40 -9.83
C ALA B 151 6.73 -3.94 -8.52
N ARG B 152 7.93 -3.38 -8.58
CA ARG B 152 8.56 -2.87 -7.37
C ARG B 152 7.82 -1.65 -6.85
N MET B 153 7.40 -0.74 -7.75
CA MET B 153 6.57 0.37 -7.31
C MET B 153 5.30 -0.13 -6.63
N ALA B 154 4.77 -1.26 -7.10
CA ALA B 154 3.51 -1.80 -6.60
C ALA B 154 3.67 -2.62 -5.33
N GLY B 155 4.87 -2.68 -4.74
CA GLY B 155 5.05 -3.26 -3.43
C GLY B 155 5.63 -4.66 -3.38
N ALA B 156 6.04 -5.23 -4.52
CA ALA B 156 6.74 -6.50 -4.50
C ALA B 156 8.16 -6.30 -3.98
N ASP B 157 8.58 -7.21 -3.09
CA ASP B 157 9.98 -7.27 -2.67
C ASP B 157 10.79 -8.19 -3.57
N LEU B 158 10.13 -9.17 -4.18
CA LEU B 158 10.72 -10.03 -5.19
C LEU B 158 9.78 -10.08 -6.38
N VAL B 159 10.31 -10.24 -7.59
CA VAL B 159 9.44 -10.43 -8.74
C VAL B 159 10.14 -11.34 -9.74
N GLY B 160 9.38 -12.27 -10.32
CA GLY B 160 9.91 -13.17 -11.33
C GLY B 160 8.86 -13.45 -12.38
N VAL B 161 9.32 -13.97 -13.52
CA VAL B 161 8.48 -14.26 -14.68
C VAL B 161 8.70 -15.71 -15.08
N ALA B 162 7.60 -16.41 -15.39
CA ALA B 162 7.67 -17.76 -15.94
C ALA B 162 6.65 -17.88 -17.06
N ARG B 163 6.91 -18.81 -17.99
CA ARG B 163 5.81 -19.27 -18.84
C ARG B 163 4.74 -19.89 -17.96
N LEU B 164 3.48 -19.75 -18.37
CA LEU B 164 2.38 -20.25 -17.57
C LEU B 164 2.26 -21.76 -17.77
N ASN B 165 2.47 -22.51 -16.68
CA ASN B 165 2.27 -23.95 -16.68
C ASN B 165 0.83 -24.21 -16.22
N ARG B 166 0.00 -24.72 -17.13
CA ARG B 166 -1.41 -24.93 -16.82
C ARG B 166 -1.62 -26.02 -15.79
N ASN B 167 -0.61 -26.85 -15.51
CA ASN B 167 -0.74 -27.89 -14.48
C ASN B 167 -1.07 -27.29 -13.12
N TRP B 168 -0.67 -26.05 -12.86
CA TRP B 168 -0.86 -25.44 -11.55
C TRP B 168 -2.07 -24.53 -11.49
N VAL B 169 -2.77 -24.35 -12.61
CA VAL B 169 -4.02 -23.60 -12.62
C VAL B 169 -5.13 -24.53 -12.13
N TYR B 170 -5.93 -24.04 -11.17
CA TYR B 170 -7.03 -24.85 -10.64
C TYR B 170 -7.92 -25.31 -11.78
N SER B 171 -8.36 -26.57 -11.72
CA SER B 171 -9.28 -27.06 -12.74
C SER B 171 -10.63 -26.35 -12.62
N GLU B 172 -11.06 -26.07 -11.40
CA GLU B 172 -12.28 -25.33 -11.14
C GLU B 172 -12.02 -24.40 -9.97
N ALA B 173 -12.54 -23.18 -10.06
CA ALA B 173 -12.35 -22.20 -9.00
C ALA B 173 -13.51 -22.24 -8.02
N VAL B 174 -13.26 -21.75 -6.81
CA VAL B 174 -14.33 -21.43 -5.88
C VAL B 174 -14.70 -19.97 -6.06
N THR B 175 -15.98 -19.71 -6.28
CA THR B 175 -16.41 -18.33 -6.54
C THR B 175 -17.84 -18.17 -6.03
N ILE B 176 -18.48 -17.05 -6.41
CA ILE B 176 -19.89 -16.80 -6.10
C ILE B 176 -20.57 -16.30 -7.37
N PRO B 177 -21.89 -16.44 -7.45
CA PRO B 177 -22.60 -15.82 -8.57
C PRO B 177 -22.34 -14.32 -8.59
N ALA B 178 -22.33 -13.75 -9.80
CA ALA B 178 -21.83 -12.39 -9.97
C ALA B 178 -22.72 -11.36 -9.28
N ASP B 179 -24.02 -11.64 -9.16
CA ASP B 179 -24.95 -10.68 -8.58
C ASP B 179 -25.24 -10.95 -7.10
N VAL B 180 -24.50 -11.85 -6.47
CA VAL B 180 -24.71 -12.11 -5.05
C VAL B 180 -24.01 -11.00 -4.24
N PRO B 181 -24.70 -10.36 -3.31
CA PRO B 181 -24.05 -9.31 -2.51
C PRO B 181 -23.08 -9.90 -1.51
N TYR B 182 -22.10 -9.08 -1.10
CA TYR B 182 -21.08 -9.55 -0.18
C TYR B 182 -21.67 -10.25 1.04
N GLU B 183 -22.75 -9.70 1.61
CA GLU B 183 -23.27 -10.24 2.86
C GLU B 183 -23.73 -11.69 2.73
N GLN B 184 -24.02 -12.15 1.52
CA GLN B 184 -24.39 -13.56 1.29
C GLN B 184 -23.27 -14.39 0.70
N SER B 185 -22.08 -13.82 0.49
CA SER B 185 -21.05 -14.51 -0.28
C SER B 185 -20.63 -15.83 0.36
N LEU B 186 -20.39 -15.84 1.66
CA LEU B 186 -19.87 -17.03 2.33
C LEU B 186 -20.86 -18.20 2.23
N HIS B 187 -22.15 -17.93 2.17
CA HIS B 187 -23.17 -18.97 2.11
C HIS B 187 -23.53 -19.38 0.70
N LYS B 188 -22.97 -18.73 -0.32
CA LYS B 188 -23.34 -19.04 -1.70
C LYS B 188 -22.11 -19.29 -2.57
N GLU B 189 -21.06 -19.88 -1.99
CA GLU B 189 -19.90 -20.23 -2.78
C GLU B 189 -20.22 -21.43 -3.69
N ILE B 190 -19.70 -21.36 -4.91
CA ILE B 190 -19.91 -22.38 -5.92
C ILE B 190 -18.57 -22.75 -6.56
N GLU B 191 -18.59 -23.84 -7.33
CA GLU B 191 -17.43 -24.24 -8.12
C GLU B 191 -17.66 -23.85 -9.58
N LYS B 192 -16.58 -23.44 -10.24
CA LYS B 192 -16.70 -22.98 -11.63
C LYS B 192 -15.46 -23.34 -12.43
N PRO B 193 -15.61 -23.99 -13.58
CA PRO B 193 -14.44 -24.38 -14.36
C PRO B 193 -13.62 -23.20 -14.85
N ILE B 194 -12.29 -23.39 -14.84
CA ILE B 194 -11.35 -22.50 -15.53
C ILE B 194 -10.86 -23.24 -16.77
N VAL B 195 -11.10 -22.66 -17.94
CA VAL B 195 -10.75 -23.30 -19.20
C VAL B 195 -9.97 -22.32 -20.07
N PHE B 196 -9.25 -22.89 -21.05
CA PHE B 196 -8.46 -22.11 -21.99
C PHE B 196 -9.05 -22.26 -23.38
N LYS B 197 -9.28 -21.13 -24.04
CA LYS B 197 -9.93 -21.15 -25.35
C LYS B 197 -9.33 -20.07 -26.25
N ASP B 198 -9.60 -20.19 -27.54
CA ASP B 198 -9.14 -19.18 -28.51
C ASP B 198 -10.15 -18.04 -28.47
N VAL B 199 -9.92 -17.11 -27.56
CA VAL B 199 -10.72 -15.90 -27.43
C VAL B 199 -9.77 -14.71 -27.31
N PRO B 200 -10.24 -13.50 -27.64
CA PRO B 200 -9.32 -12.35 -27.60
C PRO B 200 -8.93 -11.94 -26.19
N LEU B 201 -9.87 -11.95 -25.25
CA LEU B 201 -9.68 -11.40 -23.91
C LEU B 201 -10.20 -12.34 -22.85
N PRO B 202 -9.65 -12.29 -21.63
CA PRO B 202 -10.24 -13.03 -20.51
C PRO B 202 -11.71 -12.67 -20.37
N ILE B 203 -12.55 -13.70 -20.21
CA ILE B 203 -13.99 -13.49 -20.23
C ILE B 203 -14.62 -14.52 -19.31
N GLU B 204 -15.72 -14.13 -18.66
CA GLU B 204 -16.49 -15.02 -17.81
C GLU B 204 -17.89 -15.17 -18.38
N THR B 205 -18.32 -16.42 -18.57
CA THR B 205 -19.69 -16.73 -18.95
C THR B 205 -20.44 -17.25 -17.73
N ASP B 206 -21.73 -17.57 -17.92
CA ASP B 206 -22.47 -18.21 -16.85
C ASP B 206 -21.80 -19.51 -16.43
N ASP B 207 -21.15 -20.19 -17.37
CA ASP B 207 -20.67 -21.54 -17.17
C ASP B 207 -19.17 -21.65 -16.91
N GLU B 208 -18.37 -20.69 -17.38
CA GLU B 208 -16.91 -20.89 -17.35
C GLU B 208 -16.17 -19.59 -17.11
N LEU B 209 -15.02 -19.73 -16.46
CA LEU B 209 -13.97 -18.72 -16.46
C LEU B 209 -13.01 -19.05 -17.61
N ILE B 210 -12.91 -18.15 -18.59
CA ILE B 210 -12.19 -18.46 -19.83
C ILE B 210 -10.92 -17.61 -19.90
N ILE B 211 -9.79 -18.28 -19.85
CA ILE B 211 -8.48 -17.65 -20.02
C ILE B 211 -8.06 -17.82 -21.48
N PRO B 212 -7.63 -16.78 -22.17
CA PRO B 212 -7.22 -16.93 -23.58
C PRO B 212 -6.02 -17.85 -23.72
N ASN B 213 -6.00 -18.59 -24.85
CA ASN B 213 -4.82 -19.37 -25.21
C ASN B 213 -3.58 -18.49 -25.37
N THR B 214 -3.75 -17.20 -25.63
CA THR B 214 -2.62 -16.29 -25.74
C THR B 214 -2.03 -15.91 -24.39
N CYS B 215 -2.60 -16.39 -23.29
CA CYS B 215 -2.12 -16.01 -21.96
C CYS B 215 -0.85 -16.80 -21.65
N GLU B 216 0.28 -16.26 -22.10
CA GLU B 216 1.52 -17.02 -22.16
C GLU B 216 2.27 -17.06 -20.84
N ASN B 217 2.15 -16.01 -20.02
CA ASN B 217 3.11 -15.74 -18.96
C ASN B 217 2.44 -15.54 -17.61
N VAL B 218 3.21 -15.78 -16.55
CA VAL B 218 2.78 -15.44 -15.20
C VAL B 218 3.88 -14.63 -14.55
N ILE B 219 3.49 -13.53 -13.90
CA ILE B 219 4.39 -12.69 -13.11
C ILE B 219 4.13 -12.99 -11.64
N VAL B 220 5.17 -13.41 -10.90
CA VAL B 220 5.01 -13.80 -9.50
C VAL B 220 5.72 -12.79 -8.61
N ALA B 221 5.03 -12.32 -7.57
CA ALA B 221 5.57 -11.35 -6.64
C ALA B 221 5.75 -11.97 -5.26
N GLY B 222 6.86 -11.66 -4.61
CA GLY B 222 7.07 -11.96 -3.21
C GLY B 222 6.87 -10.71 -2.36
N ILE B 223 6.09 -10.86 -1.29
CA ILE B 223 5.67 -9.77 -0.41
C ILE B 223 6.20 -10.11 0.97
N ALA B 224 7.27 -9.45 1.42
CA ALA B 224 7.98 -9.90 2.61
C ALA B 224 7.19 -9.62 3.89
N MET B 225 7.13 -10.63 4.75
CA MET B 225 6.54 -10.48 6.08
C MET B 225 7.58 -9.98 7.08
N ASN B 226 7.13 -9.56 8.25
CA ASN B 226 8.02 -9.01 9.26
C ASN B 226 8.59 -10.12 10.14
N ARG B 227 9.91 -10.14 10.31
CA ARG B 227 10.55 -11.24 11.00
C ARG B 227 10.19 -11.27 12.48
N GLU B 228 10.29 -10.12 13.16
CA GLU B 228 9.98 -10.07 14.59
C GLU B 228 8.56 -10.54 14.88
N MET B 229 7.60 -10.12 14.05
CA MET B 229 6.22 -10.52 14.28
C MET B 229 5.99 -11.99 13.95
N MET B 230 6.55 -12.48 12.86
CA MET B 230 6.35 -13.90 12.56
C MET B 230 7.00 -14.77 13.62
N GLN B 231 8.05 -14.28 14.27
CA GLN B 231 8.67 -15.12 15.30
C GLN B 231 7.80 -15.25 16.55
N THR B 232 6.67 -14.55 16.64
CA THR B 232 5.74 -14.76 17.75
C THR B 232 4.75 -15.86 17.45
N ALA B 233 4.84 -16.53 16.31
CA ALA B 233 3.94 -17.64 15.98
C ALA B 233 3.92 -18.66 17.11
N PRO B 234 2.74 -19.20 17.43
CA PRO B 234 1.44 -19.04 16.77
C PRO B 234 0.57 -17.92 17.34
N ASN B 235 1.19 -16.89 17.92
CA ASN B 235 0.45 -15.87 18.65
C ASN B 235 0.03 -14.74 17.71
N SER B 236 -0.62 -13.70 18.27
CA SER B 236 -1.42 -12.78 17.44
C SER B 236 -0.56 -11.90 16.54
N MET B 237 0.67 -11.57 16.92
CA MET B 237 1.44 -10.68 16.05
C MET B 237 1.87 -11.37 14.76
N ALA B 238 2.04 -12.70 14.80
CA ALA B 238 2.24 -13.44 13.55
C ALA B 238 1.02 -13.33 12.66
N CYS B 239 -0.17 -13.36 13.25
CA CYS B 239 -1.40 -13.17 12.48
C CYS B 239 -1.44 -11.79 11.83
N ALA B 240 -0.94 -10.77 12.54
CA ALA B 240 -1.03 -9.41 12.02
C ALA B 240 -0.13 -9.20 10.80
N THR B 241 1.11 -9.73 10.85
CA THR B 241 1.96 -9.53 9.67
C THR B 241 1.40 -10.31 8.48
N THR B 242 0.86 -11.52 8.72
CA THR B 242 0.14 -12.25 7.68
C THR B 242 -0.94 -11.38 7.05
N ALA B 243 -1.80 -10.80 7.88
CA ALA B 243 -2.98 -10.10 7.38
C ALA B 243 -2.58 -8.87 6.58
N PHE B 244 -1.66 -8.05 7.10
CA PHE B 244 -1.25 -6.86 6.35
C PHE B 244 -0.69 -7.22 4.99
N CYS B 245 0.08 -8.32 4.91
CA CYS B 245 0.63 -8.68 3.63
C CYS B 245 -0.44 -9.15 2.65
N TYR B 246 -1.55 -9.71 3.13
CA TYR B 246 -2.64 -10.02 2.20
C TYR B 246 -3.20 -8.76 1.56
N SER B 247 -3.34 -7.68 2.32
CA SER B 247 -3.79 -6.43 1.69
C SER B 247 -2.72 -5.85 0.77
N ARG B 248 -1.44 -6.03 1.11
CA ARG B 248 -0.38 -5.63 0.17
C ARG B 248 -0.46 -6.43 -1.13
N MET B 249 -0.74 -7.74 -1.04
CA MET B 249 -0.95 -8.56 -2.23
C MET B 249 -2.03 -7.99 -3.12
N CYS B 250 -3.17 -7.63 -2.54
CA CYS B 250 -4.30 -7.16 -3.32
C CYS B 250 -3.95 -5.87 -4.06
N MET B 251 -3.32 -4.93 -3.35
CA MET B 251 -2.92 -3.69 -4.01
C MET B 251 -1.91 -3.95 -5.12
N PHE B 252 -0.98 -4.88 -4.89
CA PHE B 252 -0.03 -5.22 -5.93
C PHE B 252 -0.76 -5.68 -7.20
N ASP B 253 -1.69 -6.64 -7.04
CA ASP B 253 -2.40 -7.19 -8.19
C ASP B 253 -3.10 -6.10 -8.98
N MET B 254 -3.82 -5.22 -8.28
CA MET B 254 -4.59 -4.20 -8.99
C MET B 254 -3.67 -3.20 -9.68
N TRP B 255 -2.67 -2.71 -8.96
CA TRP B 255 -1.70 -1.78 -9.56
C TRP B 255 -1.05 -2.39 -10.81
N LEU B 256 -0.58 -3.63 -10.69
CA LEU B 256 0.18 -4.20 -11.80
C LEU B 256 -0.74 -4.53 -12.97
N CYS B 257 -1.94 -5.05 -12.68
CA CYS B 257 -2.89 -5.31 -13.76
C CYS B 257 -3.24 -4.03 -14.49
N GLN B 258 -3.46 -2.94 -13.76
CA GLN B 258 -3.74 -1.68 -14.43
C GLN B 258 -2.57 -1.24 -15.29
N PHE B 259 -1.33 -1.37 -14.79
CA PHE B 259 -0.18 -0.99 -15.61
C PHE B 259 -0.14 -1.78 -16.90
N ILE B 260 -0.32 -3.11 -16.81
CA ILE B 260 -0.27 -3.97 -17.99
C ILE B 260 -1.37 -3.60 -18.98
N ARG B 261 -2.58 -3.37 -18.48
CA ARG B 261 -3.69 -2.96 -19.35
C ARG B 261 -3.41 -1.62 -20.01
N TYR B 262 -2.84 -0.67 -19.27
CA TYR B 262 -2.53 0.62 -19.86
C TYR B 262 -1.36 0.56 -20.83
N MET B 263 -0.60 -0.55 -20.84
CA MET B 263 0.41 -0.82 -21.85
C MET B 263 -0.17 -1.47 -23.10
N GLY B 264 -1.46 -1.80 -23.11
CA GLY B 264 -2.06 -2.41 -24.26
C GLY B 264 -2.23 -3.92 -24.22
N TYR B 265 -2.02 -4.54 -23.06
CA TYR B 265 -2.17 -5.99 -22.91
C TYR B 265 -3.30 -6.27 -21.92
N TYR B 266 -3.63 -7.55 -21.72
CA TYR B 266 -4.60 -7.89 -20.68
C TYR B 266 -3.89 -8.51 -19.49
N ALA B 267 -4.59 -8.55 -18.36
CA ALA B 267 -3.96 -8.99 -17.11
C ALA B 267 -5.03 -9.57 -16.20
N ILE B 268 -4.72 -10.72 -15.62
CA ILE B 268 -5.63 -11.43 -14.71
C ILE B 268 -5.00 -11.41 -13.32
N PRO B 269 -5.62 -10.77 -12.33
CA PRO B 269 -5.11 -10.83 -10.96
C PRO B 269 -5.51 -12.15 -10.30
N SER B 270 -4.96 -12.41 -9.10
CA SER B 270 -5.38 -13.66 -8.46
C SER B 270 -5.24 -13.76 -6.95
N CYS B 271 -4.22 -13.13 -6.35
CA CYS B 271 -3.95 -13.35 -4.93
C CYS B 271 -3.95 -14.86 -4.61
N ASN B 272 -4.79 -15.36 -3.70
CA ASN B 272 -4.75 -16.79 -3.37
C ASN B 272 -5.57 -17.65 -4.32
N GLY B 273 -6.23 -17.05 -5.31
CA GLY B 273 -7.07 -17.79 -6.24
C GLY B 273 -6.33 -18.23 -7.49
N VAL B 274 -7.10 -18.83 -8.40
CA VAL B 274 -6.75 -19.18 -9.80
C VAL B 274 -5.77 -20.34 -9.89
N GLY B 275 -4.66 -20.29 -9.16
CA GLY B 275 -3.74 -21.41 -9.21
C GLY B 275 -2.79 -21.43 -8.02
N GLN B 276 -1.87 -22.40 -8.05
CA GLN B 276 -1.02 -22.69 -6.90
C GLN B 276 0.23 -21.82 -6.95
N SER B 277 0.31 -20.89 -5.99
CA SER B 277 1.37 -19.87 -6.01
C SER B 277 2.75 -20.47 -5.83
N VAL B 278 2.90 -21.50 -4.99
CA VAL B 278 4.22 -22.04 -4.72
C VAL B 278 4.84 -22.59 -6.00
N ALA B 279 4.04 -23.31 -6.80
CA ALA B 279 4.56 -23.87 -8.03
C ALA B 279 4.98 -22.76 -9.00
N PHE B 280 4.14 -21.74 -9.17
CA PHE B 280 4.51 -20.62 -10.02
C PHE B 280 5.79 -19.94 -9.53
N ALA B 281 5.91 -19.75 -8.21
CA ALA B 281 7.07 -19.06 -7.67
C ALA B 281 8.35 -19.85 -7.92
N VAL B 282 8.28 -21.17 -7.83
CA VAL B 282 9.45 -21.98 -8.11
C VAL B 282 9.83 -21.91 -9.58
N GLU B 283 8.83 -21.99 -10.46
CA GLU B 283 9.12 -21.93 -11.89
C GLU B 283 9.62 -20.55 -12.32
N ALA B 284 9.24 -19.51 -11.59
CA ALA B 284 9.70 -18.15 -11.86
C ALA B 284 11.02 -17.80 -11.17
N GLY B 285 11.61 -18.72 -10.43
CA GLY B 285 12.93 -18.50 -9.85
C GLY B 285 12.96 -17.74 -8.55
N LEU B 286 11.82 -17.53 -7.88
CA LEU B 286 11.85 -16.83 -6.60
C LEU B 286 12.52 -17.68 -5.52
N GLY B 287 12.36 -18.99 -5.57
CA GLY B 287 12.95 -19.85 -4.57
C GLY B 287 12.71 -21.29 -4.91
N GLN B 288 12.89 -22.14 -3.90
CA GLN B 288 12.72 -23.59 -4.04
C GLN B 288 11.62 -24.10 -3.13
N ALA B 289 10.98 -25.19 -3.56
CA ALA B 289 10.05 -25.91 -2.71
C ALA B 289 10.78 -26.53 -1.51
N SER B 290 10.05 -26.72 -0.42
CA SER B 290 10.64 -27.10 0.86
C SER B 290 9.82 -28.20 1.51
N ARG B 291 10.34 -28.71 2.63
CA ARG B 291 9.62 -29.76 3.38
C ARG B 291 8.26 -29.26 3.87
N MET B 292 8.22 -28.06 4.45
CA MET B 292 6.95 -27.54 4.95
C MET B 292 5.94 -27.30 3.84
N GLY B 293 6.40 -27.17 2.59
CA GLY B 293 5.54 -26.98 1.44
C GLY B 293 5.63 -25.60 0.83
N ALA B 294 6.28 -24.66 1.50
CA ALA B 294 6.39 -23.28 1.05
C ALA B 294 7.54 -23.10 0.06
N CYS B 295 7.48 -21.99 -0.68
CA CYS B 295 8.62 -21.56 -1.49
C CYS B 295 9.63 -20.84 -0.59
N ILE B 296 10.83 -21.38 -0.50
CA ILE B 296 11.89 -20.79 0.32
C ILE B 296 12.73 -19.89 -0.57
N THR B 297 12.84 -18.59 -0.18
CA THR B 297 13.60 -17.61 -0.95
C THR B 297 14.96 -17.36 -0.30
N PRO B 298 15.97 -16.99 -1.08
CA PRO B 298 17.25 -16.65 -0.43
C PRO B 298 17.15 -15.43 0.46
N GLU B 299 16.33 -14.45 0.10
CA GLU B 299 16.27 -13.20 0.86
C GLU B 299 15.48 -13.35 2.16
N PHE B 300 14.39 -14.12 2.15
CA PHE B 300 13.46 -14.15 3.27
C PHE B 300 13.18 -15.54 3.79
N GLY B 301 13.84 -16.57 3.25
CA GLY B 301 13.38 -17.93 3.45
C GLY B 301 11.92 -18.04 3.05
N PRO B 302 11.13 -18.76 3.84
CA PRO B 302 9.69 -18.88 3.57
C PRO B 302 8.85 -17.75 4.14
N ASN B 303 9.46 -16.76 4.80
CA ASN B 303 8.72 -15.71 5.49
C ASN B 303 8.35 -14.61 4.50
N VAL B 304 7.58 -15.01 3.48
CA VAL B 304 7.24 -14.11 2.39
C VAL B 304 5.95 -14.62 1.77
N ARG B 305 5.04 -13.70 1.46
CA ARG B 305 3.80 -14.09 0.80
C ARG B 305 3.95 -14.00 -0.70
N LEU B 306 3.05 -14.68 -1.40
CA LEU B 306 3.10 -14.78 -2.86
C LEU B 306 1.78 -14.32 -3.46
N THR B 307 1.88 -13.59 -4.58
CA THR B 307 0.71 -13.39 -5.43
C THR B 307 1.20 -13.43 -6.87
N LYS B 308 0.26 -13.42 -7.81
CA LYS B 308 0.68 -13.59 -9.20
C LYS B 308 -0.36 -13.00 -10.13
N VAL B 309 0.10 -12.63 -11.32
CA VAL B 309 -0.69 -11.99 -12.36
C VAL B 309 -0.40 -12.70 -13.68
N PHE B 310 -1.45 -13.02 -14.44
CA PHE B 310 -1.33 -13.72 -15.72
C PHE B 310 -1.53 -12.75 -16.87
N THR B 311 -0.72 -12.88 -17.92
CA THR B 311 -0.80 -11.88 -18.97
C THR B 311 -0.30 -12.44 -20.29
N ASN B 312 -0.79 -11.85 -21.39
CA ASN B 312 -0.25 -12.07 -22.73
C ASN B 312 0.90 -11.13 -23.07
N MET B 313 1.29 -10.23 -22.17
CA MET B 313 2.42 -9.35 -22.42
C MET B 313 3.69 -10.17 -22.70
N PRO B 314 4.36 -9.93 -23.83
CA PRO B 314 5.63 -10.64 -24.10
C PRO B 314 6.66 -10.31 -23.03
N LEU B 315 7.34 -11.35 -22.54
CA LEU B 315 8.26 -11.22 -21.41
C LEU B 315 9.36 -12.26 -21.55
N VAL B 316 10.46 -12.03 -20.86
CA VAL B 316 11.58 -12.96 -20.81
C VAL B 316 11.45 -13.79 -19.53
N PRO B 317 11.26 -15.10 -19.63
CA PRO B 317 11.16 -15.92 -18.41
C PRO B 317 12.47 -15.89 -17.63
N ASP B 318 12.35 -15.86 -16.31
CA ASP B 318 13.50 -15.97 -15.43
C ASP B 318 13.95 -17.42 -15.31
N LYS B 319 15.23 -17.62 -14.87
CA LYS B 319 15.66 -19.00 -14.70
C LYS B 319 15.30 -19.50 -13.30
N PRO B 320 14.93 -20.77 -13.17
CA PRO B 320 14.80 -21.35 -11.82
C PRO B 320 16.14 -21.32 -11.10
N ILE B 321 16.06 -21.35 -9.77
CA ILE B 321 17.24 -21.21 -8.94
C ILE B 321 17.40 -22.47 -8.09
N ASP B 322 18.66 -22.83 -7.82
CA ASP B 322 18.98 -23.97 -6.97
C ASP B 322 20.09 -23.53 -6.03
N PHE B 323 19.74 -23.25 -4.78
CA PHE B 323 20.75 -22.92 -3.77
C PHE B 323 20.78 -23.94 -2.64
N GLY B 324 20.34 -25.17 -2.92
CA GLY B 324 20.54 -26.28 -2.01
C GLY B 324 19.42 -26.56 -1.05
N VAL B 325 18.22 -26.02 -1.28
CA VAL B 325 17.12 -26.17 -0.31
C VAL B 325 16.73 -27.63 -0.18
N THR B 326 16.59 -28.33 -1.30
CA THR B 326 16.14 -29.72 -1.26
C THR B 326 17.06 -30.58 -0.41
N GLU B 327 18.38 -30.42 -0.59
CA GLU B 327 19.34 -31.21 0.18
C GLU B 327 19.34 -30.81 1.64
N PHE B 328 19.11 -29.53 1.94
CA PHE B 328 19.07 -29.12 3.34
C PHE B 328 17.82 -29.63 4.01
N CYS B 329 16.66 -29.50 3.34
CA CYS B 329 15.42 -30.00 3.89
C CYS B 329 15.47 -31.51 4.09
N GLU B 330 16.31 -32.19 3.30
CA GLU B 330 16.43 -33.64 3.42
C GLU B 330 16.84 -34.05 4.83
N THR B 331 17.76 -33.30 5.45
CA THR B 331 18.28 -33.68 6.76
C THR B 331 17.78 -32.81 7.91
N CYS B 332 17.08 -31.71 7.64
CA CYS B 332 16.77 -30.74 8.70
C CYS B 332 15.60 -31.19 9.58
N LYS B 333 14.39 -31.21 9.02
CA LYS B 333 13.16 -31.68 9.66
C LYS B 333 12.75 -30.85 10.88
N LYS B 334 13.29 -29.63 11.03
CA LYS B 334 12.97 -28.81 12.21
C LYS B 334 11.51 -28.37 12.19
N CYS B 335 10.99 -27.98 11.03
CA CYS B 335 9.57 -27.64 10.95
C CYS B 335 8.70 -28.82 11.34
N ALA B 336 9.06 -30.02 10.86
CA ALA B 336 8.28 -31.21 11.18
C ALA B 336 8.27 -31.49 12.68
N ARG B 337 9.39 -31.25 13.36
CA ARG B 337 9.43 -31.56 14.78
C ARG B 337 8.72 -30.50 15.64
N GLU B 338 8.65 -29.25 15.19
CA GLU B 338 8.02 -28.18 15.96
C GLU B 338 6.55 -27.98 15.63
N CYS B 339 6.08 -28.51 14.51
CA CYS B 339 4.70 -28.31 14.09
C CYS B 339 3.75 -28.79 15.19
N PRO B 340 2.88 -27.91 15.72
CA PRO B 340 2.04 -28.33 16.85
C PRO B 340 0.98 -29.34 16.49
N SER B 341 0.74 -29.60 15.21
CA SER B 341 -0.29 -30.53 14.78
C SER B 341 0.27 -31.78 14.13
N LYS B 342 1.60 -31.90 14.02
CA LYS B 342 2.24 -33.02 13.32
C LYS B 342 1.77 -33.12 11.88
N ALA B 343 1.52 -31.97 11.24
CA ALA B 343 1.04 -31.96 9.87
C ALA B 343 2.15 -32.23 8.87
N ILE B 344 3.40 -31.89 9.20
CA ILE B 344 4.51 -31.93 8.24
C ILE B 344 5.22 -33.27 8.37
N THR B 345 5.46 -33.92 7.23
CA THR B 345 6.08 -35.24 7.22
C THR B 345 7.57 -35.18 7.53
N GLU B 346 8.07 -36.24 8.16
CA GLU B 346 9.51 -36.44 8.29
C GLU B 346 10.06 -37.42 7.26
N GLY B 347 9.20 -37.92 6.37
CA GLY B 347 9.61 -38.89 5.38
C GLY B 347 10.15 -38.28 4.09
N PRO B 348 10.41 -39.14 3.11
CA PRO B 348 10.93 -38.66 1.83
C PRO B 348 9.81 -38.15 0.94
N ARG B 349 10.22 -37.51 -0.17
CA ARG B 349 9.26 -36.99 -1.15
C ARG B 349 8.68 -38.13 -1.97
N THR B 350 7.41 -37.98 -2.35
CA THR B 350 6.72 -38.97 -3.18
C THR B 350 5.83 -38.26 -4.18
N PHE B 351 5.24 -39.04 -5.09
CA PHE B 351 4.28 -38.53 -6.06
C PHE B 351 2.83 -38.74 -5.62
N GLU B 352 2.60 -39.25 -4.41
CA GLU B 352 1.25 -39.63 -3.99
C GLU B 352 0.82 -38.77 -2.81
N GLY B 353 -0.28 -38.05 -2.98
CA GLY B 353 -0.76 -37.19 -1.92
C GLY B 353 -1.24 -37.97 -0.71
N ARG B 354 -1.11 -37.35 0.46
CA ARG B 354 -1.58 -38.00 1.67
C ARG B 354 -3.10 -37.96 1.80
N SER B 355 -3.75 -36.98 1.18
CA SER B 355 -5.20 -36.88 1.28
C SER B 355 -5.72 -36.05 0.11
N ILE B 356 -7.03 -35.81 0.11
CA ILE B 356 -7.68 -35.03 -0.94
C ILE B 356 -7.04 -33.65 -1.07
N HIS B 357 -6.44 -33.13 -0.01
CA HIS B 357 -5.94 -31.75 -0.06
C HIS B 357 -4.65 -31.61 -0.87
N ASN B 358 -3.93 -32.69 -1.12
CA ASN B 358 -2.70 -32.67 -1.92
C ASN B 358 -2.99 -32.99 -3.39
N GLN B 359 -2.24 -32.35 -4.29
CA GLN B 359 -2.26 -32.70 -5.70
C GLN B 359 -1.26 -33.82 -5.96
N SER B 360 -1.76 -35.02 -6.26
CA SER B 360 -0.86 -36.12 -6.61
C SER B 360 -0.25 -35.91 -7.98
N GLY B 361 0.87 -36.60 -8.21
CA GLY B 361 1.54 -36.57 -9.50
C GLY B 361 2.73 -35.65 -9.60
N LYS B 362 3.13 -35.00 -8.51
CA LYS B 362 4.31 -34.14 -8.51
C LYS B 362 5.16 -34.49 -7.30
N LEU B 363 6.48 -34.49 -7.50
CA LEU B 363 7.41 -34.91 -6.45
C LEU B 363 7.52 -33.79 -5.41
N GLN B 364 7.08 -34.07 -4.19
CA GLN B 364 7.07 -33.07 -3.12
C GLN B 364 7.00 -33.81 -1.79
N TRP B 365 7.30 -33.08 -0.72
CA TRP B 365 6.99 -33.59 0.61
C TRP B 365 5.48 -33.48 0.83
N GLN B 366 4.85 -34.60 1.13
CA GLN B 366 3.39 -34.68 1.25
C GLN B 366 2.97 -34.43 2.71
N ASN B 367 2.22 -33.37 2.94
CA ASN B 367 1.83 -32.97 4.28
C ASN B 367 0.33 -33.10 4.48
N ASP B 368 -0.09 -33.27 5.74
CA ASP B 368 -1.52 -33.43 6.05
C ASP B 368 -2.07 -32.06 6.44
N TYR B 369 -2.71 -31.41 5.48
CA TYR B 369 -3.14 -30.03 5.68
C TYR B 369 -4.43 -29.90 6.46
N ASN B 370 -5.19 -30.99 6.62
CA ASN B 370 -6.32 -30.96 7.55
C ASN B 370 -5.85 -30.90 8.99
N LYS B 371 -4.74 -31.58 9.30
CA LYS B 371 -4.13 -31.45 10.63
C LYS B 371 -3.68 -30.02 10.90
N CYS B 372 -3.04 -29.38 9.92
CA CYS B 372 -2.65 -27.98 10.08
C CYS B 372 -3.86 -27.11 10.38
N LEU B 373 -4.90 -27.19 9.53
CA LEU B 373 -6.04 -26.30 9.74
C LEU B 373 -6.68 -26.53 11.10
N GLY B 374 -6.72 -27.78 11.58
CA GLY B 374 -7.30 -28.08 12.88
C GLY B 374 -6.66 -27.33 14.02
N TYR B 375 -5.40 -26.93 13.86
CA TYR B 375 -4.73 -26.20 14.93
C TYR B 375 -5.13 -24.74 14.97
N TRP B 376 -5.75 -24.22 13.91
CA TRP B 376 -6.04 -22.78 13.86
C TRP B 376 -7.19 -22.39 14.79
N PRO B 377 -8.32 -23.09 14.83
CA PRO B 377 -9.31 -22.76 15.87
C PRO B 377 -8.80 -22.99 17.28
N GLU B 378 -7.93 -23.99 17.48
N GLU B 378 -7.95 -24.00 17.47
CA GLU B 378 -7.42 -24.27 18.82
CA GLU B 378 -7.40 -24.29 18.79
C GLU B 378 -6.52 -23.14 19.31
C GLU B 378 -6.55 -23.12 19.28
N SER B 379 -5.73 -22.56 18.40
CA SER B 379 -4.80 -21.50 18.77
C SER B 379 -5.33 -20.11 18.51
N GLY B 380 -6.44 -19.97 17.77
CA GLY B 380 -7.00 -18.66 17.52
C GLY B 380 -6.21 -17.82 16.55
N GLY B 381 -5.47 -18.44 15.64
CA GLY B 381 -4.66 -17.70 14.70
C GLY B 381 -4.39 -18.48 13.43
N TYR B 382 -3.31 -18.10 12.74
CA TYR B 382 -2.89 -18.76 11.50
C TYR B 382 -1.58 -19.50 11.70
N CYS B 383 -1.26 -19.86 12.94
CA CYS B 383 -0.02 -20.54 13.33
C CYS B 383 1.20 -19.88 12.69
N GLY B 384 1.86 -20.59 11.77
CA GLY B 384 3.09 -20.10 11.18
C GLY B 384 4.36 -20.56 11.88
N VAL B 385 4.25 -21.50 12.82
CA VAL B 385 5.42 -21.96 13.56
C VAL B 385 6.47 -22.51 12.61
N CYS B 386 6.04 -23.21 11.56
CA CYS B 386 6.99 -23.77 10.60
C CYS B 386 7.82 -22.66 9.95
N VAL B 387 7.16 -21.58 9.52
CA VAL B 387 7.87 -20.43 8.96
C VAL B 387 8.83 -19.85 9.99
N ALA B 388 8.38 -19.72 11.24
CA ALA B 388 9.19 -19.06 12.26
C ALA B 388 10.46 -19.84 12.59
N VAL B 389 10.40 -21.18 12.62
CA VAL B 389 11.56 -21.96 13.06
C VAL B 389 12.51 -22.33 11.92
N CYS B 390 12.13 -22.09 10.68
CA CYS B 390 12.96 -22.49 9.55
C CYS B 390 14.29 -21.75 9.57
N PRO B 391 15.42 -22.45 9.49
CA PRO B 391 16.72 -21.75 9.39
C PRO B 391 16.77 -20.71 8.29
N PHE B 392 16.08 -20.93 7.18
CA PHE B 392 16.15 -19.95 6.10
C PHE B 392 15.47 -18.64 6.45
N THR B 393 14.60 -18.63 7.46
CA THR B 393 13.91 -17.40 7.85
C THR B 393 14.83 -16.43 8.58
N LYS B 394 15.80 -16.92 9.36
CA LYS B 394 16.61 -16.01 10.17
C LYS B 394 17.64 -15.23 9.34
N ASN B 431 9.17 -11.58 23.56
CA ASN B 431 7.74 -11.73 23.73
C ASN B 431 7.01 -10.64 22.96
N ILE B 432 5.68 -10.63 23.05
CA ILE B 432 4.93 -9.71 22.21
C ILE B 432 5.04 -8.27 22.70
N THR B 433 5.19 -8.05 24.02
CA THR B 433 5.43 -6.69 24.48
C THR B 433 6.69 -6.12 23.86
N GLU B 434 7.75 -6.92 23.80
CA GLU B 434 8.99 -6.45 23.20
C GLU B 434 8.81 -6.15 21.71
N VAL B 435 7.91 -6.86 21.02
CA VAL B 435 7.65 -6.54 19.62
C VAL B 435 6.98 -5.17 19.50
N TRP B 436 5.90 -4.94 20.28
CA TRP B 436 5.23 -3.65 20.25
C TRP B 436 6.15 -2.51 20.65
N ASP B 437 7.09 -2.75 21.57
CA ASP B 437 8.00 -1.71 22.02
C ASP B 437 9.28 -1.64 21.19
N GLY B 438 9.43 -2.50 20.16
CA GLY B 438 10.69 -2.68 19.51
C GLY B 438 10.76 -2.12 18.10
N LYS B 439 11.68 -2.65 17.32
CA LYS B 439 12.00 -2.11 15.99
C LYS B 439 10.84 -2.30 15.03
N ILE B 440 10.52 -1.25 14.28
CA ILE B 440 9.58 -1.35 13.16
C ILE B 440 9.98 -0.30 12.13
N ASN B 441 9.51 -0.48 10.90
CA ASN B 441 9.79 0.45 9.82
C ASN B 441 8.65 0.30 8.83
N THR B 442 8.70 1.07 7.76
CA THR B 442 7.54 1.19 6.87
C THR B 442 7.14 -0.18 6.29
N TYR B 443 5.85 -0.50 6.35
CA TYR B 443 5.31 -1.80 5.91
C TYR B 443 5.94 -2.99 6.63
N GLY B 444 6.60 -2.76 7.76
CA GLY B 444 7.27 -3.84 8.46
C GLY B 444 8.56 -4.30 7.84
N LEU B 445 9.06 -3.58 6.83
CA LEU B 445 10.32 -3.92 6.22
C LEU B 445 11.47 -3.54 7.15
N ASP B 446 12.64 -4.15 6.94
CA ASP B 446 13.78 -4.01 7.85
C ASP B 446 14.93 -3.36 7.08
N ALA B 447 15.36 -2.18 7.53
CA ALA B 447 16.45 -1.48 6.86
C ALA B 447 17.77 -2.22 6.95
N ASP B 448 17.90 -3.15 7.90
CA ASP B 448 19.14 -3.91 7.97
C ASP B 448 19.32 -4.85 6.79
N HIS B 449 18.24 -5.16 6.07
CA HIS B 449 18.29 -6.09 4.95
C HIS B 449 17.71 -5.53 3.66
N PHE B 450 17.06 -4.36 3.70
CA PHE B 450 16.34 -3.82 2.55
C PHE B 450 17.26 -3.63 1.34
N ARG B 451 18.55 -3.43 1.54
CA ARG B 451 19.44 -3.36 0.39
C ARG B 451 19.47 -4.63 -0.44
N ASP B 452 19.17 -5.78 0.18
CA ASP B 452 19.19 -7.02 -0.58
C ASP B 452 18.21 -7.04 -1.74
N THR B 453 17.17 -6.20 -1.71
CA THR B 453 16.20 -6.20 -2.80
C THR B 453 16.31 -4.96 -3.69
N VAL B 454 17.41 -4.21 -3.60
CA VAL B 454 17.65 -3.15 -4.57
C VAL B 454 17.74 -3.77 -5.95
N SER B 455 17.34 -3.02 -6.97
CA SER B 455 17.27 -3.56 -8.32
C SER B 455 17.70 -2.53 -9.34
N PHE B 456 18.53 -2.97 -10.29
CA PHE B 456 18.92 -2.23 -11.47
C PHE B 456 18.52 -3.04 -12.69
N ARG B 457 18.60 -2.43 -13.88
CA ARG B 457 18.18 -3.14 -15.08
C ARG B 457 18.95 -4.46 -15.25
N LYS B 458 20.23 -4.47 -14.89
CA LYS B 458 21.03 -5.69 -15.08
C LYS B 458 20.40 -6.90 -14.41
N ASP B 459 19.75 -6.72 -13.26
CA ASP B 459 19.12 -7.82 -12.56
C ASP B 459 17.64 -7.98 -12.90
N ARG B 460 17.05 -7.04 -13.66
CA ARG B 460 15.67 -7.22 -14.09
C ARG B 460 15.56 -8.02 -15.39
N VAL B 461 16.52 -7.87 -16.29
CA VAL B 461 16.45 -8.66 -17.52
C VAL B 461 17.83 -8.88 -18.15
#